data_7VWO
#
_entry.id   7VWO
#
_cell.length_a   50.847
_cell.length_b   74.501
_cell.length_c   74.882
_cell.angle_alpha   73.16
_cell.angle_beta   70.24
_cell.angle_gamma   70.03
#
_symmetry.space_group_name_H-M   'P 1'
#
loop_
_entity.id
_entity.type
_entity.pdbx_description
1 polymer 'Ribonuclease VapC43'
2 polymer 'Antitoxin VapB43'
3 water water
#
loop_
_entity_poly.entity_id
_entity_poly.type
_entity_poly.pdbx_seq_one_letter_code
_entity_poly.pdbx_strand_id
1 'polypeptide(L)'
;MLCVDVNVLVYAHRADLREHADYRGLLERLANDDEPLGLPDSVLAGFIRVVTNRRVFTEPTSPQDAWQAVDALLAAPAAM
RLRPGERHWMAFRQLASDVDANGNDIADAHLAAYALENNATWLSADRGFARFRRLRWRHPLD
;
A,B,E,K,I,G
2 'polypeptide(L)' YRVQPSGKGGLRPGVDLSSNAALAEAMN H,D,J
#
# COMPACT_ATOMS: atom_id res chain seq x y z
N MET A 1 0.82 -41.13 -4.77
CA MET A 1 1.13 -39.72 -4.44
C MET A 1 0.88 -39.49 -2.93
N LEU A 2 1.76 -38.74 -2.27
CA LEU A 2 1.56 -38.40 -0.83
C LEU A 2 1.28 -36.89 -0.70
N CYS A 3 0.19 -36.53 -0.03
CA CYS A 3 -0.20 -35.10 0.16
C CYS A 3 0.08 -34.74 1.62
N VAL A 4 0.52 -33.51 1.88
CA VAL A 4 0.92 -33.17 3.27
C VAL A 4 0.19 -31.92 3.80
N ASP A 5 -0.08 -31.92 5.11
CA ASP A 5 -0.83 -30.83 5.78
C ASP A 5 0.09 -29.64 6.11
N VAL A 6 -0.50 -28.55 6.59
CA VAL A 6 0.24 -27.32 6.99
C VAL A 6 1.26 -27.68 8.08
N ASN A 7 0.87 -28.53 9.02
CA ASN A 7 1.73 -28.83 10.19
C ASN A 7 3.06 -29.46 9.71
N VAL A 8 2.99 -30.31 8.69
CA VAL A 8 4.25 -30.97 8.22
C VAL A 8 5.23 -29.90 7.71
N LEU A 9 4.74 -28.95 6.92
CA LEU A 9 5.61 -27.87 6.39
C LEU A 9 6.12 -26.98 7.55
N VAL A 10 5.24 -26.67 8.49
CA VAL A 10 5.65 -25.76 9.59
C VAL A 10 6.77 -26.38 10.44
N TYR A 11 6.61 -27.66 10.82
CA TYR A 11 7.62 -28.35 11.65
C TYR A 11 8.93 -28.45 10.85
N ALA A 12 8.79 -28.76 9.56
CA ALA A 12 10.00 -28.95 8.73
C ALA A 12 10.78 -27.64 8.65
N HIS A 13 10.09 -26.52 8.46
CA HIS A 13 10.75 -25.16 8.41
C HIS A 13 11.26 -24.55 9.73
N ARG A 14 10.54 -24.71 10.83
CA ARG A 14 10.92 -23.95 12.06
C ARG A 14 11.88 -24.75 12.93
N ALA A 15 13.13 -24.31 12.97
CA ALA A 15 14.22 -24.98 13.73
C ALA A 15 13.90 -24.96 15.22
N ASP A 16 13.28 -23.89 15.71
CA ASP A 16 12.99 -23.66 17.16
C ASP A 16 12.10 -24.78 17.70
N LEU A 17 11.16 -25.29 16.91
CA LEU A 17 10.24 -26.39 17.32
C LEU A 17 10.94 -27.74 17.61
N ARG A 18 10.45 -28.46 18.62
CA ARG A 18 10.99 -29.80 19.02
C ARG A 18 10.83 -30.85 17.90
N GLU A 19 9.73 -30.83 17.17
CA GLU A 19 9.41 -31.78 16.07
C GLU A 19 10.29 -31.52 14.84
N HIS A 20 11.04 -30.42 14.78
CA HIS A 20 11.72 -30.00 13.52
C HIS A 20 12.70 -31.04 12.94
N ALA A 21 13.53 -31.70 13.75
CA ALA A 21 14.51 -32.63 13.15
C ALA A 21 13.83 -33.78 12.40
N ASP A 22 12.79 -34.38 12.98
CA ASP A 22 12.06 -35.47 12.27
C ASP A 22 11.35 -34.95 11.01
N TYR A 23 10.68 -33.79 11.13
CA TYR A 23 9.89 -33.25 9.98
C TYR A 23 10.80 -32.82 8.82
N ARG A 24 11.92 -32.17 9.15
CA ARG A 24 12.81 -31.66 8.07
C ARG A 24 13.34 -32.88 7.30
N GLY A 25 13.73 -33.94 8.03
CA GLY A 25 14.19 -35.15 7.36
C GLY A 25 13.11 -35.76 6.51
N LEU A 26 11.89 -35.83 7.06
CA LEU A 26 10.80 -36.46 6.30
C LEU A 26 10.53 -35.65 5.03
N LEU A 27 10.49 -34.32 5.18
CA LEU A 27 10.12 -33.50 4.00
C LEU A 27 11.16 -33.63 2.90
N GLU A 28 12.44 -33.62 3.29
CA GLU A 28 13.52 -33.70 2.28
C GLU A 28 13.39 -35.06 1.58
N ARG A 29 13.12 -36.11 2.35
CA ARG A 29 12.96 -37.46 1.74
C ARG A 29 11.76 -37.52 0.78
N LEU A 30 10.60 -36.98 1.20
CA LEU A 30 9.38 -36.99 0.35
C LEU A 30 9.62 -36.15 -0.91
N ALA A 31 10.27 -35.00 -0.75
CA ALA A 31 10.51 -34.06 -1.88
C ALA A 31 11.41 -34.68 -2.94
N ASN A 32 12.43 -35.44 -2.51
CA ASN A 32 13.42 -36.03 -3.47
C ASN A 32 13.03 -37.47 -3.88
N ASP A 33 11.95 -38.02 -3.32
CA ASP A 33 11.47 -39.40 -3.64
C ASP A 33 10.79 -39.59 -5.00
N ASP A 34 10.72 -40.84 -5.47
CA ASP A 34 9.95 -41.14 -6.70
C ASP A 34 8.48 -40.70 -6.58
N GLU A 35 7.82 -41.09 -5.49
CA GLU A 35 6.38 -40.75 -5.42
C GLU A 35 6.18 -39.23 -5.42
N PRO A 36 5.18 -38.72 -6.15
CA PRO A 36 4.93 -37.31 -6.19
C PRO A 36 4.54 -36.84 -4.80
N LEU A 37 5.02 -35.66 -4.43
CA LEU A 37 4.60 -35.05 -3.15
C LEU A 37 3.54 -34.02 -3.55
N GLY A 38 2.28 -34.27 -3.21
CA GLY A 38 1.21 -33.34 -3.61
C GLY A 38 1.16 -32.19 -2.62
N LEU A 39 1.18 -30.96 -3.13
CA LEU A 39 1.07 -29.79 -2.21
C LEU A 39 -0.12 -28.93 -2.62
N PRO A 40 -1.19 -28.97 -1.82
CA PRO A 40 -2.39 -28.22 -2.14
C PRO A 40 -2.06 -26.71 -2.02
N ASP A 41 -2.70 -25.92 -2.87
CA ASP A 41 -2.46 -24.46 -2.81
C ASP A 41 -2.86 -23.98 -1.40
N SER A 42 -3.96 -24.50 -0.87
CA SER A 42 -4.46 -24.11 0.48
C SER A 42 -3.40 -24.48 1.54
N VAL A 43 -2.75 -25.62 1.38
CA VAL A 43 -1.64 -25.99 2.31
C VAL A 43 -0.47 -24.99 2.21
N LEU A 44 -0.08 -24.66 0.98
CA LEU A 44 1.09 -23.74 0.82
C LEU A 44 0.70 -22.38 1.41
N ALA A 45 -0.52 -21.95 1.12
CA ALA A 45 -1.03 -20.66 1.62
C ALA A 45 -1.12 -20.73 3.17
N GLY A 46 -1.60 -21.87 3.71
CA GLY A 46 -1.75 -22.07 5.18
C GLY A 46 -0.40 -22.02 5.89
N PHE A 47 0.63 -22.63 5.28
CA PHE A 47 1.99 -22.61 5.86
C PHE A 47 2.51 -21.16 5.95
N ILE A 48 2.31 -20.39 4.89
CA ILE A 48 2.76 -18.95 4.92
C ILE A 48 1.99 -18.20 6.01
N ARG A 49 0.69 -18.44 6.07
CA ARG A 49 -0.13 -17.70 7.05
C ARG A 49 0.36 -18.05 8.47
N VAL A 50 0.60 -19.35 8.73
CA VAL A 50 1.01 -19.73 10.12
C VAL A 50 2.41 -19.24 10.53
N VAL A 51 3.41 -19.44 9.66
CA VAL A 51 4.83 -19.08 10.02
C VAL A 51 4.97 -17.56 10.19
N THR A 52 4.28 -16.79 9.37
CA THR A 52 4.40 -15.31 9.38
C THR A 52 3.48 -14.72 10.45
N ASN A 53 2.71 -15.56 11.14
CA ASN A 53 1.66 -15.05 12.06
C ASN A 53 2.19 -14.68 13.46
N ARG A 54 1.91 -13.44 13.88
CA ARG A 54 2.32 -12.91 15.22
C ARG A 54 1.62 -13.69 16.36
N ARG A 55 0.36 -14.05 16.16
CA ARG A 55 -0.36 -14.85 17.19
C ARG A 55 0.33 -16.20 17.42
N VAL A 56 0.73 -16.91 16.36
CA VAL A 56 1.43 -18.22 16.48
C VAL A 56 2.86 -18.20 17.03
N PHE A 57 3.71 -17.29 16.57
CA PHE A 57 5.15 -17.36 16.96
C PHE A 57 5.59 -16.02 17.56
N THR A 58 6.42 -16.09 18.60
CA THR A 58 6.96 -14.83 19.19
C THR A 58 7.80 -14.11 18.14
N GLU A 59 8.64 -14.82 17.38
CA GLU A 59 9.36 -14.21 16.24
C GLU A 59 8.84 -14.86 14.96
N PRO A 60 7.90 -14.23 14.23
CA PRO A 60 7.36 -14.82 13.01
C PRO A 60 8.39 -14.86 11.87
N THR A 61 8.27 -15.89 11.03
CA THR A 61 9.11 -15.96 9.81
C THR A 61 8.72 -14.76 8.93
N SER A 62 9.68 -14.16 8.24
CA SER A 62 9.37 -13.07 7.27
C SER A 62 8.55 -13.65 6.11
N PRO A 63 7.66 -12.86 5.48
CA PRO A 63 6.90 -13.30 4.33
C PRO A 63 7.91 -13.63 3.21
N GLN A 64 8.97 -12.82 3.10
CA GLN A 64 9.99 -13.07 2.04
C GLN A 64 10.63 -14.45 2.28
N ASP A 65 10.96 -14.76 3.54
CA ASP A 65 11.51 -16.11 3.89
C ASP A 65 10.47 -17.22 3.64
N ALA A 66 9.21 -16.96 4.02
CA ALA A 66 8.15 -17.96 3.86
C ALA A 66 7.94 -18.28 2.37
N TRP A 67 7.91 -17.23 1.54
CA TRP A 67 7.71 -17.44 0.08
C TRP A 67 8.91 -18.18 -0.54
N GLN A 68 10.13 -17.83 -0.11
CA GLN A 68 11.33 -18.52 -0.66
C GLN A 68 11.28 -20.03 -0.30
N ALA A 69 10.85 -20.36 0.93
CA ALA A 69 10.73 -21.77 1.35
C ALA A 69 9.70 -22.49 0.48
N VAL A 70 8.58 -21.85 0.21
CA VAL A 70 7.57 -22.46 -0.70
C VAL A 70 8.19 -22.63 -2.10
N ASP A 71 8.92 -21.61 -2.56
CA ASP A 71 9.48 -21.67 -3.93
C ASP A 71 10.48 -22.82 -4.04
N ALA A 72 11.34 -22.99 -3.04
CA ALA A 72 12.36 -24.06 -3.04
C ALA A 72 11.70 -25.44 -3.04
N LEU A 73 10.67 -25.61 -2.20
CA LEU A 73 9.95 -26.90 -2.12
C LEU A 73 9.24 -27.23 -3.44
N LEU A 74 8.60 -26.24 -4.06
CA LEU A 74 7.92 -26.44 -5.38
C LEU A 74 8.99 -26.84 -6.42
N ALA A 75 10.20 -26.31 -6.28
CA ALA A 75 11.34 -26.63 -7.17
C ALA A 75 11.74 -28.12 -7.04
N ALA A 76 11.43 -28.79 -5.92
CA ALA A 76 11.91 -30.17 -5.66
C ALA A 76 11.37 -31.15 -6.72
N PRO A 77 12.15 -32.19 -7.07
CA PRO A 77 11.78 -33.05 -8.21
C PRO A 77 10.43 -33.76 -8.01
N ALA A 78 10.15 -34.27 -6.81
CA ALA A 78 8.83 -34.87 -6.46
C ALA A 78 7.66 -33.86 -6.42
N ALA A 79 7.93 -32.62 -6.01
CA ALA A 79 6.82 -31.69 -5.69
C ALA A 79 5.88 -31.40 -6.84
N MET A 80 4.57 -31.50 -6.57
CA MET A 80 3.54 -31.12 -7.56
C MET A 80 2.55 -30.19 -6.85
N ARG A 81 2.37 -28.97 -7.32
CA ARG A 81 1.34 -28.11 -6.69
C ARG A 81 -0.04 -28.64 -7.11
N LEU A 82 -0.99 -28.68 -6.18
CA LEU A 82 -2.35 -29.14 -6.54
C LEU A 82 -3.36 -28.00 -6.40
N ARG A 83 -4.19 -27.79 -7.43
CA ARG A 83 -5.28 -26.78 -7.41
C ARG A 83 -6.57 -27.60 -7.31
N PRO A 84 -7.63 -27.11 -6.64
CA PRO A 84 -8.79 -27.98 -6.46
C PRO A 84 -9.32 -28.42 -7.83
N GLY A 85 -9.55 -29.72 -7.97
CA GLY A 85 -10.08 -30.31 -9.22
C GLY A 85 -11.56 -30.07 -9.37
N GLU A 86 -12.10 -30.35 -10.55
CA GLU A 86 -13.58 -30.24 -10.67
C GLU A 86 -14.11 -31.25 -9.65
N ARG A 87 -13.44 -32.38 -9.51
CA ARG A 87 -13.77 -33.43 -8.50
C ARG A 87 -13.59 -32.91 -7.06
N HIS A 88 -12.78 -31.87 -6.84
CA HIS A 88 -12.47 -31.48 -5.43
C HIS A 88 -13.75 -31.08 -4.69
N TRP A 89 -14.64 -30.32 -5.32
CA TRP A 89 -15.86 -29.84 -4.62
C TRP A 89 -16.75 -31.03 -4.22
N MET A 90 -16.95 -31.99 -5.13
CA MET A 90 -17.75 -33.20 -4.79
C MET A 90 -17.04 -34.00 -3.69
N ALA A 91 -15.71 -34.14 -3.82
CA ALA A 91 -14.96 -34.91 -2.81
C ALA A 91 -15.09 -34.22 -1.42
N PHE A 92 -15.03 -32.89 -1.39
CA PHE A 92 -15.18 -32.11 -0.14
C PHE A 92 -16.58 -32.32 0.45
N ARG A 93 -17.60 -32.28 -0.41
CA ARG A 93 -19.00 -32.50 0.05
C ARG A 93 -19.18 -33.92 0.60
N GLN A 94 -18.60 -34.91 -0.08
CA GLN A 94 -18.74 -36.31 0.37
C GLN A 94 -18.07 -36.49 1.75
N LEU A 95 -16.88 -35.92 1.91
CA LEU A 95 -16.16 -36.03 3.20
C LEU A 95 -16.96 -35.32 4.31
N ALA A 96 -17.48 -34.15 4.01
CA ALA A 96 -18.25 -33.38 5.02
C ALA A 96 -19.52 -34.16 5.40
N SER A 97 -20.19 -34.74 4.40
CA SER A 97 -21.42 -35.53 4.63
C SER A 97 -21.08 -36.76 5.48
N ASP A 98 -19.91 -37.36 5.23
CA ASP A 98 -19.56 -38.63 5.90
C ASP A 98 -19.49 -38.40 7.42
N VAL A 99 -18.94 -37.26 7.86
CA VAL A 99 -18.77 -36.97 9.33
C VAL A 99 -19.81 -35.96 9.86
N ASP A 100 -20.81 -35.55 9.06
CA ASP A 100 -21.74 -34.48 9.53
C ASP A 100 -20.88 -33.29 9.94
N ALA A 101 -19.91 -32.90 9.11
CA ALA A 101 -18.88 -31.91 9.54
C ALA A 101 -19.45 -30.57 9.97
N ASN A 102 -18.93 -30.01 11.08
CA ASN A 102 -19.34 -28.67 11.56
C ASN A 102 -18.12 -27.88 12.07
N GLY A 103 -18.18 -26.55 12.02
CA GLY A 103 -17.06 -25.71 12.46
C GLY A 103 -15.77 -26.04 11.71
N ASN A 104 -14.69 -26.26 12.43
CA ASN A 104 -13.36 -26.53 11.82
C ASN A 104 -13.31 -27.85 11.01
N ASP A 105 -14.22 -28.80 11.27
CA ASP A 105 -14.25 -30.09 10.54
C ASP A 105 -14.37 -29.75 9.04
N ILE A 106 -15.12 -28.71 8.72
CA ILE A 106 -15.32 -28.29 7.30
C ILE A 106 -13.95 -27.92 6.70
N ALA A 107 -13.11 -27.20 7.45
CA ALA A 107 -11.77 -26.83 6.96
C ALA A 107 -10.95 -28.11 6.71
N ASP A 108 -11.04 -29.08 7.63
CA ASP A 108 -10.33 -30.37 7.47
C ASP A 108 -10.87 -31.10 6.24
N ALA A 109 -12.19 -31.09 6.06
CA ALA A 109 -12.80 -31.82 4.92
C ALA A 109 -12.27 -31.19 3.63
N HIS A 110 -12.19 -29.86 3.63
CA HIS A 110 -11.72 -29.17 2.41
C HIS A 110 -10.27 -29.57 2.10
N LEU A 111 -9.39 -29.62 3.09
CA LEU A 111 -7.99 -30.08 2.91
C LEU A 111 -7.94 -31.56 2.52
N ALA A 112 -8.78 -32.37 3.16
CA ALA A 112 -8.82 -33.84 2.94
C ALA A 112 -9.20 -34.11 1.47
N ALA A 113 -10.06 -33.28 0.92
CA ALA A 113 -10.60 -33.47 -0.45
C ALA A 113 -9.42 -33.52 -1.45
N TYR A 114 -8.35 -32.74 -1.22
CA TYR A 114 -7.25 -32.86 -2.21
C TYR A 114 -6.71 -34.31 -2.26
N ALA A 115 -6.51 -34.93 -1.09
CA ALA A 115 -6.00 -36.33 -1.09
C ALA A 115 -7.02 -37.30 -1.72
N LEU A 116 -8.28 -37.15 -1.37
CA LEU A 116 -9.33 -38.10 -1.85
C LEU A 116 -9.47 -38.04 -3.37
N GLU A 117 -9.45 -36.82 -3.91
CA GLU A 117 -9.64 -36.62 -5.37
C GLU A 117 -8.48 -37.30 -6.12
N ASN A 118 -7.27 -37.23 -5.58
CA ASN A 118 -6.05 -37.85 -6.19
C ASN A 118 -5.86 -39.31 -5.75
N ASN A 119 -6.71 -39.83 -4.85
CA ASN A 119 -6.48 -41.19 -4.27
C ASN A 119 -5.07 -41.16 -3.65
N ALA A 120 -4.72 -40.06 -2.99
CA ALA A 120 -3.37 -39.92 -2.39
C ALA A 120 -3.42 -40.19 -0.88
N THR A 121 -2.29 -40.59 -0.30
CA THR A 121 -2.22 -40.67 1.18
C THR A 121 -2.20 -39.23 1.75
N TRP A 122 -2.92 -39.01 2.84
CA TRP A 122 -2.92 -37.67 3.47
C TRP A 122 -2.10 -37.77 4.75
N LEU A 123 -1.03 -36.99 4.81
CA LEU A 123 -0.16 -37.06 6.01
C LEU A 123 -0.45 -35.82 6.85
N SER A 124 -0.94 -36.04 8.07
CA SER A 124 -1.12 -34.87 8.96
C SER A 124 -0.79 -35.22 10.41
N ALA A 125 -0.24 -34.26 11.14
CA ALA A 125 -0.02 -34.42 12.60
C ALA A 125 -1.40 -34.57 13.24
N ASP A 126 -2.40 -33.85 12.73
CA ASP A 126 -3.72 -33.87 13.38
C ASP A 126 -4.31 -35.28 13.25
N ARG A 127 -4.70 -35.87 14.38
CA ARG A 127 -5.21 -37.27 14.37
C ARG A 127 -6.74 -37.22 14.21
N GLY A 128 -7.31 -36.01 14.13
CA GLY A 128 -8.75 -35.83 13.86
C GLY A 128 -9.06 -36.36 12.45
N PHE A 129 -8.06 -36.42 11.58
CA PHE A 129 -8.22 -36.91 10.18
C PHE A 129 -8.66 -38.40 10.22
N ALA A 130 -8.46 -39.06 11.37
CA ALA A 130 -8.89 -40.46 11.53
C ALA A 130 -10.42 -40.51 11.36
N ARG A 131 -11.11 -39.40 11.58
CA ARG A 131 -12.59 -39.31 11.44
C ARG A 131 -13.01 -39.67 10.00
N PHE A 132 -12.22 -39.32 8.97
CA PHE A 132 -12.68 -39.57 7.58
C PHE A 132 -12.30 -41.00 7.19
N ARG A 133 -13.27 -41.91 7.31
CA ARG A 133 -13.01 -43.35 7.01
C ARG A 133 -12.65 -43.50 5.53
N ARG A 134 -13.32 -42.74 4.69
CA ARG A 134 -13.04 -42.76 3.23
C ARG A 134 -11.59 -42.30 2.99
N LEU A 135 -11.11 -41.32 3.76
CA LEU A 135 -9.74 -40.75 3.55
C LEU A 135 -8.61 -41.73 3.88
N ARG A 136 -7.54 -41.73 3.08
CA ARG A 136 -6.36 -42.53 3.47
C ARG A 136 -5.42 -41.58 4.21
N TRP A 137 -5.38 -41.67 5.54
CA TRP A 137 -4.58 -40.72 6.37
C TRP A 137 -3.54 -41.48 7.18
N ARG A 138 -2.32 -40.96 7.24
CA ARG A 138 -1.27 -41.58 8.06
C ARG A 138 -0.56 -40.50 8.89
N HIS A 139 -0.10 -40.85 10.09
CA HIS A 139 0.76 -39.89 10.83
C HIS A 139 2.04 -39.71 10.00
N PRO A 140 2.59 -38.47 9.87
CA PRO A 140 3.75 -38.21 8.99
C PRO A 140 4.95 -39.03 9.44
N LEU A 141 5.13 -39.17 10.75
CA LEU A 141 6.25 -39.94 11.36
C LEU A 141 6.00 -41.46 11.36
N ASP A 142 4.80 -41.90 10.98
CA ASP A 142 4.52 -43.36 10.85
C ASP A 142 5.60 -44.01 9.97
N MET B 1 -19.03 -8.92 -12.93
CA MET B 1 -19.22 -9.97 -11.91
C MET B 1 -18.96 -9.40 -10.51
N LEU B 2 -19.73 -9.84 -9.52
CA LEU B 2 -19.50 -9.39 -8.12
C LEU B 2 -19.19 -10.62 -7.27
N CYS B 3 -18.09 -10.57 -6.53
CA CYS B 3 -17.70 -11.69 -5.65
C CYS B 3 -17.96 -11.24 -4.21
N VAL B 4 -18.42 -12.17 -3.37
CA VAL B 4 -18.79 -11.80 -1.97
C VAL B 4 -17.99 -12.62 -0.95
N ASP B 5 -17.68 -12.00 0.18
CA ASP B 5 -16.91 -12.64 1.29
C ASP B 5 -17.83 -13.51 2.18
N VAL B 6 -17.21 -14.28 3.08
CA VAL B 6 -17.96 -15.17 3.99
C VAL B 6 -18.91 -14.33 4.86
N ASN B 7 -18.45 -13.15 5.30
CA ASN B 7 -19.28 -12.35 6.25
C ASN B 7 -20.60 -12.00 5.56
N VAL B 8 -20.55 -11.70 4.26
CA VAL B 8 -21.80 -11.30 3.55
C VAL B 8 -22.79 -12.48 3.60
N LEU B 9 -22.33 -13.71 3.33
CA LEU B 9 -23.20 -14.91 3.44
C LEU B 9 -23.65 -15.13 4.89
N VAL B 10 -22.72 -14.96 5.82
CA VAL B 10 -23.06 -15.22 7.25
C VAL B 10 -24.13 -14.24 7.75
N TYR B 11 -23.98 -12.96 7.43
CA TYR B 11 -24.97 -11.94 7.86
C TYR B 11 -26.32 -12.24 7.18
N ALA B 12 -26.26 -12.66 5.92
CA ALA B 12 -27.49 -12.93 5.15
C ALA B 12 -28.27 -14.06 5.83
N HIS B 13 -27.58 -15.08 6.33
CA HIS B 13 -28.31 -16.26 6.89
C HIS B 13 -28.60 -16.21 8.41
N ARG B 14 -27.95 -15.35 9.17
CA ARG B 14 -28.19 -15.43 10.64
C ARG B 14 -29.22 -14.36 11.00
N ALA B 15 -30.44 -14.79 11.32
CA ALA B 15 -31.56 -13.86 11.66
C ALA B 15 -31.18 -13.10 12.93
N ASP B 16 -30.49 -13.78 13.85
CA ASP B 16 -30.11 -13.24 15.18
C ASP B 16 -29.20 -12.01 15.01
N LEU B 17 -28.31 -12.00 14.02
CA LEU B 17 -27.36 -10.87 13.81
C LEU B 17 -28.06 -9.57 13.38
N ARG B 18 -27.55 -8.42 13.84
CA ARG B 18 -28.14 -7.08 13.56
C ARG B 18 -28.13 -6.72 12.07
N GLU B 19 -27.07 -7.07 11.36
CA GLU B 19 -26.89 -6.75 9.93
C GLU B 19 -27.84 -7.56 9.06
N HIS B 20 -28.54 -8.55 9.60
CA HIS B 20 -29.23 -9.55 8.74
C HIS B 20 -30.27 -9.00 7.76
N ALA B 21 -31.12 -8.05 8.14
CA ALA B 21 -32.11 -7.62 7.14
C ALA B 21 -31.37 -7.02 5.92
N ASP B 22 -30.37 -6.18 6.16
CA ASP B 22 -29.67 -5.50 5.05
C ASP B 22 -28.93 -6.53 4.18
N TYR B 23 -28.23 -7.45 4.83
CA TYR B 23 -27.45 -8.49 4.09
C TYR B 23 -28.38 -9.43 3.32
N ARG B 24 -29.51 -9.79 3.95
CA ARG B 24 -30.43 -10.74 3.29
C ARG B 24 -30.99 -10.13 2.00
N GLY B 25 -31.40 -8.86 2.05
CA GLY B 25 -31.90 -8.20 0.85
C GLY B 25 -30.81 -8.10 -0.21
N LEU B 26 -29.60 -7.72 0.22
CA LEU B 26 -28.53 -7.53 -0.78
C LEU B 26 -28.25 -8.87 -1.44
N LEU B 27 -28.18 -9.93 -0.63
CA LEU B 27 -27.80 -11.25 -1.17
C LEU B 27 -28.87 -11.71 -2.15
N GLU B 28 -30.14 -11.51 -1.77
CA GLU B 28 -31.23 -11.90 -2.67
C GLU B 28 -31.17 -11.07 -3.96
N ARG B 29 -30.87 -9.78 -3.85
CA ARG B 29 -30.73 -8.93 -5.07
C ARG B 29 -29.57 -9.41 -5.95
N LEU B 30 -28.43 -9.72 -5.33
CA LEU B 30 -27.24 -10.20 -6.09
C LEU B 30 -27.55 -11.54 -6.75
N ALA B 31 -28.22 -12.44 -6.02
CA ALA B 31 -28.47 -13.80 -6.53
C ALA B 31 -29.37 -13.77 -7.77
N ASN B 32 -30.36 -12.88 -7.79
CA ASN B 32 -31.34 -12.82 -8.91
C ASN B 32 -30.96 -11.78 -9.98
N ASP B 33 -29.85 -11.06 -9.81
CA ASP B 33 -29.44 -9.98 -10.75
C ASP B 33 -28.81 -10.60 -12.02
N ASP B 34 -28.71 -9.82 -13.09
CA ASP B 34 -28.01 -10.30 -14.32
C ASP B 34 -26.46 -10.46 -14.17
N GLU B 35 -25.84 -9.56 -13.41
CA GLU B 35 -24.36 -9.60 -13.25
C GLU B 35 -24.11 -10.89 -12.45
N PRO B 36 -23.14 -11.73 -12.82
CA PRO B 36 -22.93 -12.97 -12.12
C PRO B 36 -22.51 -12.74 -10.66
N LEU B 37 -23.02 -13.57 -9.76
CA LEU B 37 -22.61 -13.50 -8.34
C LEU B 37 -21.56 -14.59 -8.20
N GLY B 38 -20.30 -14.19 -8.00
CA GLY B 38 -19.26 -15.20 -7.98
C GLY B 38 -19.04 -15.66 -6.56
N LEU B 39 -19.20 -16.95 -6.34
CA LEU B 39 -19.02 -17.50 -4.98
C LEU B 39 -17.84 -18.47 -5.03
N PRO B 40 -16.69 -18.10 -4.42
CA PRO B 40 -15.54 -18.98 -4.39
C PRO B 40 -15.88 -20.23 -3.56
N ASP B 41 -15.32 -21.37 -3.91
CA ASP B 41 -15.55 -22.61 -3.12
C ASP B 41 -15.07 -22.32 -1.68
N SER B 42 -13.95 -21.60 -1.53
CA SER B 42 -13.40 -21.28 -0.18
C SER B 42 -14.41 -20.41 0.60
N VAL B 43 -15.07 -19.47 -0.05
CA VAL B 43 -16.14 -18.67 0.63
C VAL B 43 -17.33 -19.55 1.05
N LEU B 44 -17.77 -20.45 0.15
CA LEU B 44 -18.92 -21.34 0.48
C LEU B 44 -18.52 -22.25 1.65
N ALA B 45 -17.30 -22.78 1.57
CA ALA B 45 -16.79 -23.64 2.66
C ALA B 45 -16.69 -22.81 3.95
N GLY B 46 -16.22 -21.57 3.85
CA GLY B 46 -16.05 -20.70 5.02
C GLY B 46 -17.38 -20.39 5.68
N PHE B 47 -18.41 -20.14 4.88
CA PHE B 47 -19.76 -19.86 5.43
C PHE B 47 -20.28 -21.08 6.21
N ILE B 48 -20.13 -22.28 5.68
CA ILE B 48 -20.58 -23.46 6.47
C ILE B 48 -19.74 -23.55 7.75
N ARG B 49 -18.44 -23.30 7.63
CA ARG B 49 -17.59 -23.48 8.82
C ARG B 49 -18.01 -22.50 9.93
N VAL B 50 -18.26 -21.24 9.58
CA VAL B 50 -18.68 -20.23 10.57
C VAL B 50 -20.10 -20.45 11.14
N VAL B 51 -21.09 -20.75 10.28
CA VAL B 51 -22.50 -20.86 10.77
C VAL B 51 -22.64 -22.05 11.71
N THR B 52 -21.93 -23.14 11.39
CA THR B 52 -22.05 -24.40 12.18
C THR B 52 -21.08 -24.38 13.37
N ASN B 53 -20.32 -23.30 13.56
CA ASN B 53 -19.25 -23.31 14.60
C ASN B 53 -19.79 -23.08 16.04
N ARG B 54 -19.45 -24.00 16.94
CA ARG B 54 -19.85 -23.90 18.37
C ARG B 54 -19.22 -22.69 19.07
N ARG B 55 -17.95 -22.37 18.81
CA ARG B 55 -17.37 -21.14 19.41
C ARG B 55 -18.07 -19.89 18.91
N VAL B 56 -18.36 -19.83 17.61
CA VAL B 56 -18.98 -18.61 17.01
C VAL B 56 -20.41 -18.34 17.47
N PHE B 57 -21.25 -19.36 17.55
CA PHE B 57 -22.68 -19.10 17.86
C PHE B 57 -23.15 -19.97 19.03
N THR B 58 -23.96 -19.37 19.91
CA THR B 58 -24.49 -20.14 21.07
C THR B 58 -25.34 -21.27 20.50
N GLU B 59 -26.09 -21.15 19.53
CA GLU B 59 -26.82 -22.25 18.86
C GLU B 59 -26.33 -22.28 17.39
N PRO B 60 -25.43 -23.06 16.99
CA PRO B 60 -24.92 -23.13 15.63
C PRO B 60 -26.01 -23.56 14.66
N THR B 61 -25.92 -23.07 13.43
CA THR B 61 -26.84 -23.59 12.41
C THR B 61 -26.41 -25.05 12.26
N SER B 62 -27.37 -25.93 11.93
CA SER B 62 -27.05 -27.34 11.60
C SER B 62 -26.29 -27.43 10.26
N PRO B 63 -25.40 -28.43 10.07
CA PRO B 63 -24.69 -28.61 8.80
C PRO B 63 -25.72 -28.91 7.71
N GLN B 64 -26.74 -29.73 8.04
CA GLN B 64 -27.83 -30.03 7.09
C GLN B 64 -28.46 -28.71 6.66
N ASP B 65 -28.78 -27.83 7.61
CA ASP B 65 -29.33 -26.50 7.26
C ASP B 65 -28.28 -25.69 6.47
N ALA B 66 -27.02 -25.74 6.89
CA ALA B 66 -26.00 -24.89 6.22
C ALA B 66 -25.83 -25.30 4.75
N TRP B 67 -25.75 -26.60 4.51
CA TRP B 67 -25.60 -27.13 3.12
C TRP B 67 -26.84 -26.81 2.28
N GLN B 68 -28.04 -26.96 2.86
CA GLN B 68 -29.28 -26.63 2.11
C GLN B 68 -29.27 -25.14 1.75
N ALA B 69 -28.81 -24.26 2.67
CA ALA B 69 -28.71 -22.85 2.26
C ALA B 69 -27.71 -22.71 1.10
N VAL B 70 -26.58 -23.41 1.17
CA VAL B 70 -25.56 -23.25 0.09
C VAL B 70 -26.17 -23.76 -1.22
N ASP B 71 -26.87 -24.89 -1.15
CA ASP B 71 -27.48 -25.51 -2.35
C ASP B 71 -28.52 -24.55 -2.91
N ALA B 72 -29.28 -23.92 -2.00
CA ALA B 72 -30.32 -22.97 -2.45
C ALA B 72 -29.66 -21.79 -3.17
N LEU B 73 -28.57 -21.27 -2.61
CA LEU B 73 -27.89 -20.09 -3.21
C LEU B 73 -27.35 -20.47 -4.60
N LEU B 74 -26.81 -21.67 -4.71
CA LEU B 74 -26.24 -22.15 -6.00
C LEU B 74 -27.36 -22.24 -7.04
N ALA B 75 -28.56 -22.63 -6.62
CA ALA B 75 -29.74 -22.79 -7.50
C ALA B 75 -30.15 -21.43 -8.09
N ALA B 76 -29.82 -20.31 -7.43
CA ALA B 76 -30.24 -18.96 -7.88
C ALA B 76 -29.66 -18.62 -9.27
N PRO B 77 -30.39 -17.85 -10.11
CA PRO B 77 -29.96 -17.65 -11.51
C PRO B 77 -28.60 -16.97 -11.73
N ALA B 78 -28.28 -15.91 -10.99
CA ALA B 78 -26.97 -15.20 -11.04
C ALA B 78 -25.81 -16.04 -10.50
N ALA B 79 -26.09 -16.85 -9.49
CA ALA B 79 -24.98 -17.48 -8.74
C ALA B 79 -24.08 -18.37 -9.59
N MET B 80 -22.76 -18.17 -9.47
CA MET B 80 -21.78 -19.07 -10.13
C MET B 80 -20.78 -19.50 -9.06
N ARG B 81 -20.63 -20.80 -8.82
CA ARG B 81 -19.56 -21.24 -7.90
C ARG B 81 -18.25 -20.98 -8.64
N LEU B 82 -17.21 -20.52 -7.95
CA LEU B 82 -15.91 -20.32 -8.63
C LEU B 82 -14.85 -21.27 -8.07
N ARG B 83 -14.10 -21.90 -8.97
CA ARG B 83 -12.93 -22.69 -8.53
C ARG B 83 -11.69 -21.86 -8.91
N PRO B 84 -10.53 -21.98 -8.24
CA PRO B 84 -9.41 -21.15 -8.63
C PRO B 84 -9.06 -21.47 -10.09
N GLY B 85 -8.85 -20.45 -10.90
CA GLY B 85 -8.46 -20.60 -12.31
C GLY B 85 -6.95 -20.76 -12.46
N GLU B 86 -6.46 -20.84 -13.72
CA GLU B 86 -5.02 -21.08 -13.95
C GLU B 86 -4.23 -19.91 -13.33
N ARG B 87 -4.75 -18.68 -13.42
CA ARG B 87 -4.02 -17.47 -12.95
C ARG B 87 -4.22 -17.21 -11.43
N HIS B 88 -5.02 -18.02 -10.76
CA HIS B 88 -5.33 -17.69 -9.34
C HIS B 88 -4.06 -17.68 -8.48
N TRP B 89 -3.17 -18.66 -8.66
CA TRP B 89 -1.98 -18.75 -7.78
C TRP B 89 -1.08 -17.51 -7.94
N MET B 90 -0.84 -17.10 -9.20
CA MET B 90 0.01 -15.91 -9.48
C MET B 90 -0.68 -14.63 -8.94
N ALA B 91 -1.99 -14.54 -9.13
CA ALA B 91 -2.77 -13.38 -8.64
C ALA B 91 -2.66 -13.32 -7.09
N PHE B 92 -2.74 -14.47 -6.43
CA PHE B 92 -2.63 -14.52 -4.95
C PHE B 92 -1.23 -14.04 -4.53
N ARG B 93 -0.20 -14.50 -5.28
CA ARG B 93 1.20 -14.09 -4.99
C ARG B 93 1.36 -12.56 -5.19
N GLN B 94 0.77 -12.06 -6.27
CA GLN B 94 0.90 -10.60 -6.58
C GLN B 94 0.25 -9.77 -5.47
N LEU B 95 -0.94 -10.16 -5.05
CA LEU B 95 -1.66 -9.42 -3.97
C LEU B 95 -0.89 -9.47 -2.65
N ALA B 96 -0.36 -10.66 -2.30
CA ALA B 96 0.44 -10.81 -1.07
C ALA B 96 1.72 -9.96 -1.16
N SER B 97 2.37 -10.00 -2.32
CA SER B 97 3.61 -9.21 -2.55
C SER B 97 3.26 -7.72 -2.45
N ASP B 98 2.10 -7.35 -2.97
CA ASP B 98 1.73 -5.91 -3.05
C ASP B 98 1.68 -5.32 -1.64
N VAL B 99 1.15 -6.07 -0.67
CA VAL B 99 1.00 -5.55 0.73
C VAL B 99 2.04 -6.13 1.71
N ASP B 100 3.03 -6.90 1.26
CA ASP B 100 3.93 -7.59 2.23
C ASP B 100 3.08 -8.43 3.20
N ALA B 101 2.12 -9.20 2.67
CA ALA B 101 1.13 -9.88 3.54
C ALA B 101 1.75 -10.84 4.55
N ASN B 102 1.24 -10.78 5.79
CA ASN B 102 1.70 -11.72 6.85
C ASN B 102 0.47 -12.16 7.67
N GLY B 103 0.52 -13.36 8.23
CA GLY B 103 -0.61 -13.88 9.04
C GLY B 103 -1.90 -13.94 8.24
N ASN B 104 -2.98 -13.37 8.77
CA ASN B 104 -4.34 -13.40 8.15
C ASN B 104 -4.37 -12.67 6.80
N ASP B 105 -3.40 -11.79 6.54
CA ASP B 105 -3.34 -11.05 5.26
C ASP B 105 -3.27 -12.11 4.16
N ILE B 106 -2.57 -13.22 4.44
CA ILE B 106 -2.40 -14.29 3.42
C ILE B 106 -3.78 -14.87 3.06
N ALA B 107 -4.63 -15.10 4.07
CA ALA B 107 -5.99 -15.63 3.83
C ALA B 107 -6.80 -14.63 3.00
N ASP B 108 -6.68 -13.34 3.34
CA ASP B 108 -7.41 -12.28 2.59
C ASP B 108 -6.92 -12.25 1.14
N ALA B 109 -5.60 -12.37 0.96
CA ALA B 109 -5.01 -12.31 -0.40
C ALA B 109 -5.52 -13.49 -1.24
N HIS B 110 -5.57 -14.67 -0.61
CA HIS B 110 -6.04 -15.88 -1.35
C HIS B 110 -7.49 -15.69 -1.78
N LEU B 111 -8.35 -15.16 -0.90
CA LEU B 111 -9.77 -14.87 -1.25
C LEU B 111 -9.88 -13.77 -2.31
N ALA B 112 -9.10 -12.70 -2.16
CA ALA B 112 -9.11 -11.53 -3.06
C ALA B 112 -8.69 -11.99 -4.47
N ALA B 113 -7.81 -12.98 -4.52
CA ALA B 113 -7.30 -13.51 -5.80
C ALA B 113 -8.49 -14.02 -6.65
N TYR B 114 -9.54 -14.60 -6.04
CA TYR B 114 -10.67 -15.02 -6.93
C TYR B 114 -11.24 -13.81 -7.68
N ALA B 115 -11.42 -12.68 -7.00
CA ALA B 115 -11.90 -11.46 -7.67
C ALA B 115 -10.90 -10.91 -8.72
N LEU B 116 -9.62 -10.86 -8.37
CA LEU B 116 -8.62 -10.25 -9.28
C LEU B 116 -8.53 -11.08 -10.57
N GLU B 117 -8.54 -12.41 -10.41
CA GLU B 117 -8.39 -13.32 -11.58
C GLU B 117 -9.60 -13.14 -12.51
N ASN B 118 -10.78 -12.96 -11.93
CA ASN B 118 -12.03 -12.82 -12.71
C ASN B 118 -12.27 -11.34 -13.09
N ASN B 119 -11.40 -10.42 -12.66
CA ASN B 119 -11.62 -8.95 -12.83
C ASN B 119 -12.99 -8.60 -12.20
N ALA B 120 -13.32 -9.20 -11.06
CA ALA B 120 -14.63 -8.98 -10.40
C ALA B 120 -14.53 -7.96 -9.25
N THR B 121 -15.65 -7.33 -8.92
CA THR B 121 -15.67 -6.47 -7.71
C THR B 121 -15.66 -7.39 -6.48
N TRP B 122 -14.85 -7.07 -5.49
CA TRP B 122 -14.86 -7.88 -4.24
C TRP B 122 -15.72 -7.12 -3.22
N LEU B 123 -16.81 -7.75 -2.80
CA LEU B 123 -17.64 -7.08 -1.77
C LEU B 123 -17.31 -7.69 -0.42
N SER B 124 -16.78 -6.87 0.48
CA SER B 124 -16.54 -7.40 1.84
C SER B 124 -16.88 -6.34 2.90
N ALA B 125 -17.40 -6.77 4.04
CA ALA B 125 -17.66 -5.86 5.17
C ALA B 125 -16.29 -5.29 5.59
N ASP B 126 -15.25 -6.12 5.56
CA ASP B 126 -13.92 -5.64 6.05
C ASP B 126 -13.39 -4.50 5.17
N ARG B 127 -13.00 -3.38 5.78
CA ARG B 127 -12.48 -2.19 5.05
C ARG B 127 -10.97 -2.31 4.81
N GLY B 128 -10.33 -3.31 5.40
CA GLY B 128 -8.89 -3.60 5.21
C GLY B 128 -8.59 -3.97 3.77
N PHE B 129 -9.61 -4.44 3.03
CA PHE B 129 -9.44 -4.90 1.61
C PHE B 129 -8.99 -3.71 0.75
N ALA B 130 -9.22 -2.48 1.23
CA ALA B 130 -8.79 -1.26 0.51
C ALA B 130 -7.25 -1.27 0.36
N ARG B 131 -6.53 -1.96 1.24
CA ARG B 131 -5.04 -2.07 1.16
C ARG B 131 -4.62 -2.74 -0.17
N PHE B 132 -5.47 -3.60 -0.75
CA PHE B 132 -5.07 -4.18 -2.07
C PHE B 132 -5.49 -3.20 -3.17
N ARG B 133 -4.52 -2.37 -3.59
CA ARG B 133 -4.80 -1.31 -4.62
C ARG B 133 -5.24 -1.97 -5.93
N ARG B 134 -4.64 -3.10 -6.28
CA ARG B 134 -4.96 -3.86 -7.52
C ARG B 134 -6.41 -4.35 -7.49
N LEU B 135 -6.91 -4.74 -6.32
CA LEU B 135 -8.30 -5.24 -6.15
C LEU B 135 -9.37 -4.16 -6.34
N ARG B 136 -10.49 -4.51 -6.97
CA ARG B 136 -11.64 -3.56 -6.97
C ARG B 136 -12.52 -4.02 -5.81
N TRP B 137 -12.49 -3.29 -4.71
CA TRP B 137 -13.24 -3.70 -3.49
C TRP B 137 -14.29 -2.64 -3.15
N ARG B 138 -15.50 -3.08 -2.81
CA ARG B 138 -16.53 -2.11 -2.31
C ARG B 138 -17.19 -2.72 -1.06
N HIS B 139 -17.56 -1.88 -0.09
CA HIS B 139 -18.33 -2.39 1.08
C HIS B 139 -19.65 -2.90 0.52
N PRO B 140 -20.22 -4.02 1.01
CA PRO B 140 -21.43 -4.60 0.40
C PRO B 140 -22.65 -3.66 0.47
N LEU B 141 -22.85 -2.97 1.60
CA LEU B 141 -24.02 -2.06 1.76
C LEU B 141 -23.92 -0.88 0.77
N ASP B 142 -22.72 -0.32 0.56
CA ASP B 142 -22.50 0.75 -0.46
C ASP B 142 -23.49 0.62 -1.62
N MET C 1 11.77 -17.36 -5.67
CA MET C 1 11.62 -16.44 -6.84
C MET C 1 13.00 -16.25 -7.49
N LEU C 2 13.05 -16.12 -8.81
CA LEU C 2 14.33 -15.87 -9.52
C LEU C 2 14.21 -14.55 -10.29
N CYS C 3 15.16 -13.66 -10.09
CA CYS C 3 15.16 -12.36 -10.79
C CYS C 3 16.28 -12.41 -11.83
N VAL C 4 16.04 -11.81 -12.99
CA VAL C 4 17.05 -11.89 -14.08
C VAL C 4 17.60 -10.49 -14.44
N ASP C 5 18.88 -10.43 -14.78
CA ASP C 5 19.54 -9.16 -15.23
C ASP C 5 19.23 -8.86 -16.71
N VAL C 6 19.58 -7.65 -17.17
CA VAL C 6 19.29 -7.23 -18.57
C VAL C 6 20.00 -8.18 -19.55
N ASN C 7 21.21 -8.61 -19.22
CA ASN C 7 22.01 -9.42 -20.18
C ASN C 7 21.20 -10.68 -20.47
N VAL C 8 20.55 -11.23 -19.45
CA VAL C 8 19.82 -12.50 -19.67
C VAL C 8 18.71 -12.27 -20.72
N LEU C 9 17.96 -11.17 -20.61
CA LEU C 9 16.92 -10.83 -21.62
C LEU C 9 17.55 -10.52 -23.01
N VAL C 10 18.65 -9.77 -23.00
CA VAL C 10 19.27 -9.40 -24.31
C VAL C 10 19.77 -10.65 -25.06
N TYR C 11 20.46 -11.57 -24.36
CA TYR C 11 20.97 -12.81 -25.01
C TYR C 11 19.78 -13.63 -25.51
N ALA C 12 18.72 -13.68 -24.70
CA ALA C 12 17.54 -14.48 -25.05
C ALA C 12 16.90 -13.96 -26.34
N HIS C 13 16.84 -12.63 -26.53
CA HIS C 13 16.14 -12.15 -27.76
C HIS C 13 17.04 -11.95 -29.01
N ARG C 14 18.36 -11.92 -28.86
CA ARG C 14 19.16 -11.62 -30.07
C ARG C 14 19.72 -12.94 -30.64
N ALA C 15 19.21 -13.35 -31.80
CA ALA C 15 19.66 -14.60 -32.46
C ALA C 15 21.13 -14.49 -32.84
N ASP C 16 21.57 -13.30 -33.25
CA ASP C 16 22.94 -13.03 -33.75
C ASP C 16 23.98 -13.33 -32.67
N LEU C 17 23.68 -13.05 -31.40
CA LEU C 17 24.60 -13.36 -30.28
C LEU C 17 24.83 -14.88 -30.11
N ARG C 18 26.04 -15.28 -29.76
CA ARG C 18 26.41 -16.72 -29.58
C ARG C 18 25.62 -17.37 -28.44
N GLU C 19 25.38 -16.62 -27.36
CA GLU C 19 24.70 -17.13 -26.14
C GLU C 19 23.22 -17.38 -26.40
N HIS C 20 22.69 -16.96 -27.54
CA HIS C 20 21.21 -16.94 -27.71
C HIS C 20 20.51 -18.30 -27.54
N ALA C 21 21.05 -19.41 -28.07
CA ALA C 21 20.25 -20.65 -27.89
C ALA C 21 20.14 -20.97 -26.39
N ASP C 22 21.24 -20.86 -25.67
CA ASP C 22 21.21 -21.23 -24.23
C ASP C 22 20.30 -20.29 -23.46
N TYR C 23 20.43 -18.98 -23.74
CA TYR C 23 19.63 -17.97 -23.02
C TYR C 23 18.14 -18.12 -23.35
N ARG C 24 17.83 -18.37 -24.64
CA ARG C 24 16.41 -18.49 -25.05
C ARG C 24 15.76 -19.71 -24.37
N GLY C 25 16.45 -20.85 -24.33
CA GLY C 25 15.89 -22.00 -23.62
C GLY C 25 15.72 -21.69 -22.14
N LEU C 26 16.73 -21.06 -21.54
CA LEU C 26 16.62 -20.85 -20.07
C LEU C 26 15.44 -19.92 -19.79
N LEU C 27 15.31 -18.83 -20.56
CA LEU C 27 14.26 -17.83 -20.31
C LEU C 27 12.87 -18.44 -20.52
N GLU C 28 12.72 -19.24 -21.58
CA GLU C 28 11.41 -19.92 -21.77
C GLU C 28 11.17 -20.89 -20.59
N ARG C 29 12.19 -21.60 -20.11
CA ARG C 29 11.97 -22.48 -18.94
C ARG C 29 11.57 -21.69 -17.68
N LEU C 30 12.27 -20.58 -17.41
CA LEU C 30 11.97 -19.74 -16.21
C LEU C 30 10.58 -19.15 -16.33
N ALA C 31 10.22 -18.68 -17.53
CA ALA C 31 8.92 -17.98 -17.72
C ALA C 31 7.73 -18.94 -17.50
N ASN C 32 7.87 -20.21 -17.92
CA ASN C 32 6.77 -21.20 -17.81
C ASN C 32 6.85 -22.01 -16.50
N ASP C 33 7.88 -21.82 -15.69
CA ASP C 33 8.09 -22.59 -14.43
C ASP C 33 7.18 -22.13 -13.27
N ASP C 34 7.00 -22.97 -12.25
CA ASP C 34 6.21 -22.58 -11.04
C ASP C 34 6.83 -21.41 -10.25
N GLU C 35 8.14 -21.41 -10.06
CA GLU C 35 8.77 -20.35 -9.24
C GLU C 35 8.60 -19.04 -10.02
N PRO C 36 8.23 -17.94 -9.36
CA PRO C 36 7.99 -16.69 -10.08
C PRO C 36 9.29 -16.20 -10.73
N LEU C 37 9.15 -15.66 -11.93
CA LEU C 37 10.32 -15.06 -12.60
C LEU C 37 10.12 -13.57 -12.36
N GLY C 38 11.02 -12.95 -11.62
CA GLY C 38 10.78 -11.55 -11.25
C GLY C 38 11.54 -10.68 -12.22
N LEU C 39 10.83 -9.77 -12.87
CA LEU C 39 11.53 -8.83 -13.77
C LEU C 39 11.37 -7.42 -13.22
N PRO C 40 12.46 -6.79 -12.75
CA PRO C 40 12.38 -5.42 -12.29
C PRO C 40 12.02 -4.51 -13.46
N ASP C 41 11.31 -3.41 -13.18
CA ASP C 41 10.99 -2.43 -14.23
C ASP C 41 12.30 -1.91 -14.84
N SER C 42 13.33 -1.68 -14.01
CA SER C 42 14.64 -1.18 -14.51
C SER C 42 15.26 -2.20 -15.50
N VAL C 43 15.15 -3.50 -15.19
CA VAL C 43 15.65 -4.56 -16.10
C VAL C 43 14.88 -4.56 -17.44
N LEU C 44 13.56 -4.43 -17.38
CA LEU C 44 12.74 -4.41 -18.62
C LEU C 44 13.12 -3.17 -19.42
N ALA C 45 13.25 -2.05 -18.71
CA ALA C 45 13.64 -0.79 -19.37
C ALA C 45 15.05 -0.95 -19.95
N GLY C 46 15.94 -1.58 -19.19
CA GLY C 46 17.33 -1.77 -19.62
C GLY C 46 17.41 -2.65 -20.88
N PHE C 47 16.60 -3.71 -20.93
CA PHE C 47 16.62 -4.61 -22.10
C PHE C 47 16.21 -3.85 -23.37
N ILE C 48 15.15 -3.04 -23.29
CA ILE C 48 14.72 -2.25 -24.48
C ILE C 48 15.84 -1.27 -24.83
N ARG C 49 16.43 -0.67 -23.81
CA ARG C 49 17.45 0.36 -24.13
C ARG C 49 18.62 -0.28 -24.88
N VAL C 50 19.07 -1.46 -24.42
CA VAL C 50 20.20 -2.14 -25.08
C VAL C 50 19.89 -2.67 -26.50
N VAL C 51 18.76 -3.36 -26.68
CA VAL C 51 18.40 -4.01 -28.01
C VAL C 51 18.15 -2.94 -29.08
N THR C 52 17.55 -1.82 -28.70
CA THR C 52 17.17 -0.76 -29.66
C THR C 52 18.37 0.17 -29.89
N ASN C 53 19.50 -0.06 -29.22
CA ASN C 53 20.62 0.92 -29.26
C ASN C 53 21.50 0.78 -30.52
N ARG C 54 21.61 1.89 -31.28
CA ARG C 54 22.46 1.94 -32.51
C ARG C 54 23.91 1.87 -31.99
N ARG C 55 24.26 2.41 -30.84
CA ARG C 55 25.67 2.22 -30.42
C ARG C 55 25.95 0.72 -30.26
N VAL C 56 25.11 0.01 -29.50
CA VAL C 56 25.34 -1.43 -29.19
C VAL C 56 25.26 -2.35 -30.41
N PHE C 57 24.28 -2.17 -31.29
CA PHE C 57 24.12 -3.15 -32.40
C PHE C 57 24.14 -2.44 -33.75
N THR C 58 24.82 -3.06 -34.73
CA THR C 58 24.84 -2.46 -36.09
C THR C 58 23.40 -2.47 -36.62
N GLU C 59 22.65 -3.56 -36.37
CA GLU C 59 21.22 -3.53 -36.72
C GLU C 59 20.45 -3.62 -35.39
N PRO C 60 19.93 -2.50 -34.86
CA PRO C 60 19.20 -2.52 -33.58
C PRO C 60 17.82 -3.15 -33.73
N THR C 61 17.35 -3.80 -32.67
CA THR C 61 15.96 -4.29 -32.68
C THR C 61 15.09 -3.04 -32.73
N SER C 62 13.96 -3.08 -33.44
CA SER C 62 13.01 -1.96 -33.45
C SER C 62 12.36 -1.82 -32.05
N PRO C 63 12.00 -0.60 -31.62
CA PRO C 63 11.28 -0.39 -30.33
C PRO C 63 9.94 -1.12 -30.34
N GLN C 64 9.22 -1.10 -31.48
CA GLN C 64 7.94 -1.84 -31.57
C GLN C 64 8.20 -3.33 -31.34
N ASP C 65 9.25 -3.88 -31.95
CA ASP C 65 9.62 -5.29 -31.67
C ASP C 65 10.03 -5.42 -30.19
N ALA C 66 10.80 -4.47 -29.69
CA ALA C 66 11.32 -4.60 -28.30
C ALA C 66 10.15 -4.60 -27.30
N TRP C 67 9.20 -3.71 -27.48
CA TRP C 67 8.00 -3.65 -26.59
C TRP C 67 7.17 -4.93 -26.75
N GLN C 68 7.04 -5.43 -27.99
CA GLN C 68 6.28 -6.68 -28.22
C GLN C 68 6.94 -7.85 -27.46
N ALA C 69 8.27 -7.94 -27.50
CA ALA C 69 8.93 -9.02 -26.75
C ALA C 69 8.69 -8.84 -25.22
N VAL C 70 8.77 -7.60 -24.73
CA VAL C 70 8.56 -7.37 -23.27
C VAL C 70 7.11 -7.74 -22.93
N ASP C 71 6.16 -7.33 -23.77
CA ASP C 71 4.73 -7.61 -23.54
C ASP C 71 4.51 -9.13 -23.57
N ALA C 72 5.19 -9.83 -24.49
CA ALA C 72 5.10 -11.30 -24.54
C ALA C 72 5.64 -11.94 -23.27
N LEU C 73 6.79 -11.44 -22.79
CA LEU C 73 7.44 -12.04 -21.59
C LEU C 73 6.50 -11.87 -20.39
N LEU C 74 5.87 -10.70 -20.30
CA LEU C 74 4.95 -10.38 -19.18
C LEU C 74 3.76 -11.36 -19.23
N ALA C 75 3.30 -11.71 -20.43
CA ALA C 75 2.12 -12.59 -20.62
C ALA C 75 2.40 -13.99 -20.04
N ALA C 76 3.67 -14.40 -19.96
CA ALA C 76 4.03 -15.77 -19.51
C ALA C 76 3.59 -16.05 -18.06
N PRO C 77 3.25 -17.31 -17.73
CA PRO C 77 2.64 -17.59 -16.41
C PRO C 77 3.49 -17.28 -15.17
N ALA C 78 4.78 -17.63 -15.17
CA ALA C 78 5.75 -17.32 -14.10
C ALA C 78 6.05 -15.82 -13.99
N ALA C 79 6.07 -15.14 -15.12
CA ALA C 79 6.62 -13.77 -15.12
C ALA C 79 5.86 -12.82 -14.20
N MET C 80 6.60 -12.10 -13.37
CA MET C 80 6.01 -11.05 -12.51
C MET C 80 6.83 -9.77 -12.69
N ARG C 81 6.24 -8.69 -13.16
CA ARG C 81 6.97 -7.41 -13.22
C ARG C 81 7.13 -6.94 -11.76
N LEU C 82 8.29 -6.40 -11.42
CA LEU C 82 8.54 -5.94 -10.03
C LEU C 82 8.79 -4.43 -9.99
N ARG C 83 8.20 -3.74 -9.02
CA ARG C 83 8.47 -2.31 -8.81
C ARG C 83 9.21 -2.21 -7.45
N PRO C 84 10.03 -1.17 -7.19
CA PRO C 84 10.75 -1.16 -5.92
C PRO C 84 9.72 -1.17 -4.78
N GLY C 85 9.94 -2.04 -3.79
CA GLY C 85 9.08 -2.09 -2.58
C GLY C 85 9.45 -1.13 -1.45
N GLU C 86 8.76 -1.14 -0.30
CA GLU C 86 9.15 -0.12 0.71
C GLU C 86 10.63 -0.27 1.09
N ARG C 87 11.10 -1.50 1.29
CA ARG C 87 12.50 -1.85 1.68
C ARG C 87 13.56 -1.54 0.61
N HIS C 88 13.18 -1.54 -0.67
CA HIS C 88 14.18 -1.39 -1.77
C HIS C 88 15.29 -0.38 -1.48
N TRP C 89 14.93 0.84 -1.09
CA TRP C 89 15.95 1.91 -0.97
C TRP C 89 17.00 1.57 0.12
N MET C 90 16.53 1.07 1.27
CA MET C 90 17.47 0.67 2.35
C MET C 90 18.32 -0.54 1.89
N ALA C 91 17.66 -1.46 1.19
CA ALA C 91 18.38 -2.66 0.69
C ALA C 91 19.47 -2.21 -0.30
N PHE C 92 19.16 -1.23 -1.15
CA PHE C 92 20.17 -0.69 -2.10
C PHE C 92 21.32 -0.05 -1.30
N ARG C 93 20.95 0.70 -0.24
CA ARG C 93 21.98 1.35 0.61
C ARG C 93 22.88 0.29 1.29
N GLN C 94 22.27 -0.77 1.80
CA GLN C 94 23.05 -1.81 2.51
C GLN C 94 24.04 -2.49 1.55
N LEU C 95 23.57 -2.81 0.35
CA LEU C 95 24.44 -3.50 -0.64
C LEU C 95 25.61 -2.59 -1.03
N ALA C 96 25.32 -1.30 -1.27
CA ALA C 96 26.36 -0.31 -1.63
C ALA C 96 27.35 -0.12 -0.47
N SER C 97 26.82 -0.03 0.75
CA SER C 97 27.68 0.12 1.95
C SER C 97 28.55 -1.14 2.08
N ASP C 98 27.96 -2.30 1.79
CA ASP C 98 28.69 -3.58 2.01
C ASP C 98 29.96 -3.60 1.14
N VAL C 99 29.87 -3.14 -0.10
CA VAL C 99 31.02 -3.18 -1.05
C VAL C 99 31.74 -1.82 -1.21
N ASP C 100 31.36 -0.78 -0.44
CA ASP C 100 31.95 0.56 -0.71
C ASP C 100 31.74 0.88 -2.21
N ALA C 101 30.53 0.68 -2.73
CA ALA C 101 30.27 0.79 -4.17
C ALA C 101 30.55 2.19 -4.73
N ASN C 102 31.19 2.24 -5.90
CA ASN C 102 31.47 3.53 -6.58
C ASN C 102 31.21 3.33 -8.08
N GLY C 103 30.85 4.40 -8.78
CA GLY C 103 30.61 4.30 -10.23
C GLY C 103 29.53 3.26 -10.57
N ASN C 104 29.84 2.34 -11.49
CA ASN C 104 28.88 1.31 -12.00
C ASN C 104 28.41 0.36 -10.87
N ASP C 105 29.20 0.25 -9.80
CA ASP C 105 28.85 -0.63 -8.67
C ASP C 105 27.49 -0.16 -8.13
N ILE C 106 27.25 1.14 -8.13
CA ILE C 106 25.97 1.68 -7.62
C ILE C 106 24.79 1.15 -8.46
N ALA C 107 24.95 1.09 -9.78
CA ALA C 107 23.90 0.58 -10.67
C ALA C 107 23.65 -0.91 -10.37
N ASP C 108 24.73 -1.65 -10.16
CA ASP C 108 24.62 -3.08 -9.78
C ASP C 108 23.90 -3.24 -8.44
N ALA C 109 24.24 -2.38 -7.49
CA ALA C 109 23.61 -2.44 -6.15
C ALA C 109 22.11 -2.16 -6.27
N HIS C 110 21.74 -1.17 -7.09
CA HIS C 110 20.31 -0.81 -7.25
C HIS C 110 19.52 -2.00 -7.85
N LEU C 111 20.09 -2.64 -8.88
CA LEU C 111 19.43 -3.83 -9.50
C LEU C 111 19.34 -5.01 -8.51
N ALA C 112 20.42 -5.28 -7.79
CA ALA C 112 20.50 -6.42 -6.85
C ALA C 112 19.48 -6.22 -5.71
N ALA C 113 19.20 -4.97 -5.36
CA ALA C 113 18.26 -4.65 -4.26
C ALA C 113 16.88 -5.25 -4.57
N TYR C 114 16.48 -5.27 -5.85
CA TYR C 114 15.17 -5.93 -6.13
C TYR C 114 15.23 -7.39 -5.65
N ALA C 115 16.32 -8.10 -5.92
CA ALA C 115 16.46 -9.49 -5.41
C ALA C 115 16.53 -9.56 -3.87
N LEU C 116 17.32 -8.68 -3.26
CA LEU C 116 17.53 -8.77 -1.79
C LEU C 116 16.22 -8.54 -1.04
N GLU C 117 15.45 -7.54 -1.49
CA GLU C 117 14.18 -7.15 -0.84
C GLU C 117 13.18 -8.33 -0.96
N ASN C 118 13.19 -9.02 -2.11
CA ASN C 118 12.27 -10.16 -2.34
C ASN C 118 12.85 -11.49 -1.82
N ASN C 119 14.09 -11.51 -1.31
CA ASN C 119 14.78 -12.77 -0.95
C ASN C 119 14.83 -13.69 -2.19
N ALA C 120 15.05 -13.12 -3.37
CA ALA C 120 15.10 -13.89 -4.63
C ALA C 120 16.54 -14.18 -5.07
N THR C 121 16.74 -15.22 -5.87
CA THR C 121 18.06 -15.49 -6.47
C THR C 121 18.27 -14.44 -7.57
N TRP C 122 19.48 -13.89 -7.64
CA TRP C 122 19.77 -12.93 -8.72
C TRP C 122 20.54 -13.72 -9.79
N LEU C 123 19.94 -13.80 -10.98
CA LEU C 123 20.61 -14.52 -12.06
C LEU C 123 21.28 -13.49 -12.96
N SER C 124 22.61 -13.48 -12.96
CA SER C 124 23.32 -12.58 -13.90
C SER C 124 24.56 -13.24 -14.48
N ALA C 125 24.86 -12.92 -15.74
CA ALA C 125 26.10 -13.40 -16.40
C ALA C 125 27.29 -12.83 -15.62
N ASP C 126 27.19 -11.59 -15.13
CA ASP C 126 28.37 -10.96 -14.49
C ASP C 126 28.72 -11.69 -13.20
N ARG C 127 29.95 -12.20 -13.10
CA ARG C 127 30.48 -12.92 -11.92
C ARG C 127 30.73 -11.97 -10.75
N GLY C 128 30.84 -10.67 -11.03
CA GLY C 128 31.12 -9.62 -10.01
C GLY C 128 30.02 -9.54 -8.97
N PHE C 129 28.82 -10.03 -9.28
CA PHE C 129 27.66 -10.01 -8.36
C PHE C 129 28.03 -10.84 -7.13
N ALA C 130 29.05 -11.70 -7.25
CA ALA C 130 29.54 -12.51 -6.10
C ALA C 130 30.02 -11.57 -4.98
N ARG C 131 30.46 -10.35 -5.30
CA ARG C 131 30.98 -9.37 -4.31
C ARG C 131 29.90 -9.02 -3.26
N PHE C 132 28.62 -9.07 -3.67
CA PHE C 132 27.53 -8.77 -2.69
C PHE C 132 27.24 -10.05 -1.91
N ARG C 133 27.86 -10.14 -0.73
CA ARG C 133 27.75 -11.36 0.12
C ARG C 133 26.30 -11.55 0.57
N ARG C 134 25.60 -10.48 0.88
CA ARG C 134 24.18 -10.52 1.31
C ARG C 134 23.31 -11.11 0.19
N LEU C 135 23.64 -10.81 -1.07
CA LEU C 135 22.87 -11.28 -2.26
C LEU C 135 23.02 -12.79 -2.56
N ARG C 136 21.91 -13.44 -2.93
CA ARG C 136 22.01 -14.84 -3.40
C ARG C 136 22.11 -14.75 -4.93
N TRP C 137 23.30 -14.93 -5.46
CA TRP C 137 23.50 -14.77 -6.93
C TRP C 137 23.96 -16.09 -7.56
N ARG C 138 23.44 -16.38 -8.76
CA ARG C 138 23.90 -17.59 -9.49
C ARG C 138 24.15 -17.23 -10.96
N HIS C 139 25.16 -17.84 -11.59
CA HIS C 139 25.31 -17.61 -13.04
C HIS C 139 24.05 -18.19 -13.70
N PRO C 140 23.46 -17.53 -14.72
CA PRO C 140 22.19 -17.96 -15.29
C PRO C 140 22.32 -19.37 -15.90
N LEU C 141 23.47 -19.65 -16.52
CA LEU C 141 23.70 -20.97 -17.16
C LEU C 141 24.57 -21.76 -16.20
N ASP C 142 24.16 -22.97 -15.82
CA ASP C 142 24.87 -23.79 -14.80
C ASP C 142 24.35 -23.39 -13.42
N MET D 1 -3.94 40.65 6.59
CA MET D 1 -3.95 39.29 5.97
C MET D 1 -5.38 38.91 5.57
N LEU D 2 -5.52 38.26 4.41
CA LEU D 2 -6.84 37.77 3.94
C LEU D 2 -6.79 36.24 3.89
N CYS D 3 -7.78 35.57 4.47
CA CYS D 3 -7.82 34.08 4.47
C CYS D 3 -9.06 33.64 3.67
N VAL D 4 -8.91 32.59 2.87
CA VAL D 4 -10.02 32.18 1.97
C VAL D 4 -10.48 30.75 2.27
N ASP D 5 -11.77 30.49 2.07
CA ASP D 5 -12.40 29.16 2.29
C ASP D 5 -12.15 28.21 1.12
N VAL D 6 -12.52 26.93 1.30
CA VAL D 6 -12.35 25.88 0.27
C VAL D 6 -13.16 26.26 -0.97
N ASN D 7 -14.36 26.83 -0.77
CA ASN D 7 -15.26 27.20 -1.89
C ASN D 7 -14.59 28.22 -2.82
N VAL D 8 -13.86 29.18 -2.27
CA VAL D 8 -13.16 30.13 -3.17
C VAL D 8 -12.14 29.40 -4.05
N LEU D 9 -11.36 28.48 -3.48
CA LEU D 9 -10.39 27.68 -4.28
C LEU D 9 -11.13 26.79 -5.28
N VAL D 10 -12.21 26.14 -4.83
CA VAL D 10 -12.91 25.19 -5.74
C VAL D 10 -13.50 25.93 -6.94
N TYR D 11 -14.16 27.08 -6.69
CA TYR D 11 -14.74 27.88 -7.81
C TYR D 11 -13.65 28.41 -8.73
N ALA D 12 -12.54 28.88 -8.12
CA ALA D 12 -11.45 29.44 -8.94
C ALA D 12 -10.86 28.35 -9.86
N HIS D 13 -10.85 27.10 -9.42
CA HIS D 13 -10.12 26.07 -10.21
C HIS D 13 -11.05 25.32 -11.20
N ARG D 14 -12.33 25.19 -10.89
CA ARG D 14 -13.17 24.37 -11.80
C ARG D 14 -13.84 25.24 -12.87
N ALA D 15 -13.43 25.05 -14.12
CA ALA D 15 -13.94 25.84 -15.28
C ALA D 15 -15.44 25.60 -15.48
N ASP D 16 -15.90 24.38 -15.27
CA ASP D 16 -17.30 23.95 -15.50
C ASP D 16 -18.28 24.76 -14.64
N LEU D 17 -17.92 25.11 -13.41
CA LEU D 17 -18.82 25.86 -12.48
C LEU D 17 -19.07 27.28 -13.03
N ARG D 18 -20.29 27.81 -12.85
CA ARG D 18 -20.69 29.15 -13.35
C ARG D 18 -19.97 30.32 -12.66
N GLU D 19 -19.57 30.13 -11.41
CA GLU D 19 -18.94 31.21 -10.60
C GLU D 19 -17.45 31.23 -10.97
N HIS D 20 -16.99 30.33 -11.84
CA HIS D 20 -15.52 30.21 -12.04
C HIS D 20 -14.84 31.50 -12.53
N ALA D 21 -15.41 32.23 -13.48
CA ALA D 21 -14.68 33.40 -14.02
C ALA D 21 -14.45 34.45 -12.91
N ASP D 22 -15.49 34.70 -12.10
CA ASP D 22 -15.35 35.69 -11.00
C ASP D 22 -14.29 35.23 -9.99
N TYR D 23 -14.35 33.96 -9.60
CA TYR D 23 -13.42 33.43 -8.57
C TYR D 23 -11.98 33.39 -9.07
N ARG D 24 -11.80 32.99 -10.33
CA ARG D 24 -10.42 32.88 -10.87
C ARG D 24 -9.78 34.27 -10.89
N GLY D 25 -10.55 35.29 -11.29
CA GLY D 25 -9.98 36.64 -11.24
C GLY D 25 -9.66 37.08 -9.83
N LEU D 26 -10.57 36.79 -8.89
CA LEU D 26 -10.34 37.27 -7.51
C LEU D 26 -9.07 36.61 -6.97
N LEU D 27 -8.94 35.31 -7.20
CA LEU D 27 -7.79 34.56 -6.62
C LEU D 27 -6.51 35.10 -7.25
N GLU D 28 -6.57 35.34 -8.55
CA GLU D 28 -5.36 35.84 -9.24
C GLU D 28 -5.01 37.20 -8.65
N ARG D 29 -6.01 38.05 -8.41
CA ARG D 29 -5.71 39.35 -7.74
C ARG D 29 -5.17 39.13 -6.31
N LEU D 30 -5.79 38.22 -5.54
CA LEU D 30 -5.36 38.04 -4.13
C LEU D 30 -3.91 37.51 -4.12
N ALA D 31 -3.63 36.56 -5.01
CA ALA D 31 -2.31 35.88 -5.05
C ALA D 31 -1.18 36.87 -5.36
N ASN D 32 -1.41 37.82 -6.27
CA ASN D 32 -0.33 38.78 -6.70
C ASN D 32 -0.34 40.09 -5.90
N ASP D 33 -1.31 40.28 -5.00
CA ASP D 33 -1.44 41.52 -4.18
C ASP D 33 -0.39 41.63 -3.08
N ASP D 34 -0.11 42.83 -2.58
CA ASP D 34 0.82 43.02 -1.43
C ASP D 34 0.27 42.35 -0.14
N GLU D 35 -1.05 42.47 0.11
CA GLU D 35 -1.56 41.92 1.38
C GLU D 35 -1.34 40.39 1.31
N PRO D 36 -0.84 39.79 2.40
CA PRO D 36 -0.61 38.35 2.41
C PRO D 36 -1.94 37.60 2.25
N LEU D 37 -1.92 36.50 1.49
CA LEU D 37 -3.11 35.67 1.30
C LEU D 37 -2.83 34.41 2.12
N GLY D 38 -3.61 34.18 3.16
CA GLY D 38 -3.27 33.07 4.06
C GLY D 38 -4.12 31.88 3.71
N LEU D 39 -3.47 30.77 3.47
CA LEU D 39 -4.21 29.54 3.12
C LEU D 39 -4.02 28.54 4.26
N PRO D 40 -5.09 28.25 5.03
CA PRO D 40 -5.00 27.28 6.10
C PRO D 40 -4.72 25.88 5.47
N ASP D 41 -3.97 25.07 6.21
CA ASP D 41 -3.68 23.70 5.74
C ASP D 41 -5.02 22.97 5.54
N SER D 42 -5.97 23.20 6.45
CA SER D 42 -7.30 22.55 6.37
C SER D 42 -8.01 22.98 5.07
N VAL D 43 -7.88 24.25 4.69
CA VAL D 43 -8.48 24.73 3.42
C VAL D 43 -7.84 24.07 2.18
N LEU D 44 -6.50 23.98 2.17
CA LEU D 44 -5.80 23.36 1.00
C LEU D 44 -6.18 21.88 0.92
N ALA D 45 -6.19 21.23 2.10
CA ALA D 45 -6.57 19.81 2.16
C ALA D 45 -8.05 19.69 1.73
N GLY D 46 -8.89 20.63 2.19
CA GLY D 46 -10.34 20.59 1.88
C GLY D 46 -10.57 20.74 0.38
N PHE D 47 -9.80 21.64 -0.24
CA PHE D 47 -9.94 21.83 -1.70
C PHE D 47 -9.57 20.52 -2.41
N ILE D 48 -8.48 19.89 -1.98
CA ILE D 48 -8.04 18.63 -2.67
C ILE D 48 -9.13 17.56 -2.48
N ARG D 49 -9.67 17.47 -1.26
CA ARG D 49 -10.71 16.45 -1.01
C ARG D 49 -11.96 16.73 -1.87
N VAL D 50 -12.40 17.99 -1.97
CA VAL D 50 -13.62 18.34 -2.77
C VAL D 50 -13.45 18.16 -4.30
N VAL D 51 -12.36 18.65 -4.86
CA VAL D 51 -12.13 18.58 -6.36
C VAL D 51 -11.97 17.12 -6.82
N THR D 52 -11.30 16.30 -6.03
CA THR D 52 -10.99 14.90 -6.44
C THR D 52 -12.16 13.96 -6.11
N ASN D 53 -13.23 14.49 -5.51
CA ASN D 53 -14.32 13.62 -5.00
C ASN D 53 -15.37 13.23 -6.06
N ARG D 54 -15.63 11.93 -6.17
CA ARG D 54 -16.64 11.39 -7.13
C ARG D 54 -18.05 11.91 -6.81
N ARG D 55 -18.41 11.96 -5.52
CA ARG D 55 -19.77 12.37 -5.17
C ARG D 55 -20.00 13.82 -5.60
N VAL D 56 -19.04 14.72 -5.35
CA VAL D 56 -19.18 16.14 -5.83
C VAL D 56 -19.11 16.32 -7.36
N PHE D 57 -18.18 15.64 -8.05
CA PHE D 57 -17.98 15.93 -9.50
C PHE D 57 -18.21 14.70 -10.37
N THR D 58 -18.96 14.88 -11.47
CA THR D 58 -19.13 13.70 -12.35
C THR D 58 -17.74 13.31 -12.86
N GLU D 59 -16.93 14.31 -13.26
CA GLU D 59 -15.52 13.96 -13.57
C GLU D 59 -14.67 14.68 -12.51
N PRO D 60 -14.08 13.97 -11.54
CA PRO D 60 -13.25 14.62 -10.54
C PRO D 60 -11.89 15.10 -11.07
N THR D 61 -11.36 16.18 -10.50
CA THR D 61 -9.99 16.62 -10.83
C THR D 61 -9.05 15.49 -10.36
N SER D 62 -7.98 15.20 -11.10
CA SER D 62 -6.98 14.20 -10.64
C SER D 62 -6.25 14.74 -9.39
N PRO D 63 -5.80 13.87 -8.47
CA PRO D 63 -5.05 14.29 -7.28
C PRO D 63 -3.76 14.98 -7.78
N GLN D 64 -3.14 14.46 -8.86
CA GLN D 64 -1.91 15.11 -9.41
C GLN D 64 -2.25 16.54 -9.85
N ASP D 65 -3.38 16.74 -10.53
CA ASP D 65 -3.84 18.09 -10.93
C ASP D 65 -4.16 18.97 -9.69
N ALA D 66 -4.83 18.36 -8.70
CA ALA D 66 -5.18 19.12 -7.48
C ALA D 66 -3.91 19.58 -6.75
N TRP D 67 -2.93 18.70 -6.59
CA TRP D 67 -1.66 19.04 -5.89
C TRP D 67 -0.87 20.15 -6.61
N GLN D 68 -0.80 20.06 -7.95
CA GLN D 68 -0.05 21.08 -8.74
C GLN D 68 -0.74 22.44 -8.63
N ALA D 69 -2.08 22.39 -8.55
CA ALA D 69 -2.87 23.64 -8.40
C ALA D 69 -2.49 24.25 -7.05
N VAL D 70 -2.39 23.40 -6.02
CA VAL D 70 -1.99 23.92 -4.68
C VAL D 70 -0.55 24.47 -4.78
N ASP D 71 0.31 23.73 -5.48
CA ASP D 71 1.73 24.14 -5.58
C ASP D 71 1.80 25.48 -6.32
N ALA D 72 1.01 25.62 -7.39
CA ALA D 72 1.04 26.85 -8.19
C ALA D 72 0.57 28.03 -7.32
N LEU D 73 -0.50 27.80 -6.56
CA LEU D 73 -1.02 28.88 -5.67
C LEU D 73 0.01 29.24 -4.58
N LEU D 74 0.63 28.25 -3.97
CA LEU D 74 1.64 28.45 -2.87
C LEU D 74 2.83 29.23 -3.46
N ALA D 75 3.15 28.95 -4.72
CA ALA D 75 4.25 29.63 -5.45
C ALA D 75 3.97 31.14 -5.60
N ALA D 76 2.69 31.55 -5.62
CA ALA D 76 2.33 32.97 -5.87
C ALA D 76 2.87 33.91 -4.77
N PRO D 77 3.25 35.16 -5.08
CA PRO D 77 3.97 36.01 -4.09
C PRO D 77 3.23 36.31 -2.78
N ALA D 78 1.95 36.63 -2.84
CA ALA D 78 1.11 36.85 -1.64
C ALA D 78 0.90 35.56 -0.82
N ALA D 79 0.76 34.40 -1.49
CA ALA D 79 0.30 33.17 -0.79
C ALA D 79 1.18 32.67 0.34
N MET D 80 0.56 32.36 1.47
CA MET D 80 1.30 31.77 2.61
C MET D 80 0.49 30.60 3.19
N ARG D 81 1.09 29.41 3.31
CA ARG D 81 0.39 28.27 3.95
C ARG D 81 0.31 28.61 5.44
N LEU D 82 -0.81 28.30 6.08
CA LEU D 82 -0.97 28.56 7.52
C LEU D 82 -1.17 27.23 8.26
N ARG D 83 -0.44 27.07 9.36
CA ARG D 83 -0.54 25.86 10.21
C ARG D 83 -1.10 26.34 11.55
N PRO D 84 -1.94 25.57 12.27
CA PRO D 84 -2.53 26.13 13.48
C PRO D 84 -1.42 26.52 14.47
N GLY D 85 -1.54 27.70 15.04
CA GLY D 85 -0.62 28.21 16.07
C GLY D 85 -1.04 27.78 17.46
N GLU D 86 -0.27 28.19 18.49
CA GLU D 86 -0.56 27.80 19.89
C GLU D 86 -1.94 28.35 20.27
N ARG D 87 -2.30 29.53 19.81
CA ARG D 87 -3.62 30.17 20.07
C ARG D 87 -4.82 29.52 19.33
N HIS D 88 -4.60 28.68 18.31
CA HIS D 88 -5.73 28.20 17.47
C HIS D 88 -6.79 27.43 18.28
N TRP D 89 -6.37 26.54 19.17
CA TRP D 89 -7.37 25.70 19.89
C TRP D 89 -8.31 26.58 20.76
N MET D 90 -7.73 27.55 21.49
CA MET D 90 -8.56 28.43 22.35
C MET D 90 -9.47 29.31 21.47
N ALA D 91 -8.94 29.78 20.33
CA ALA D 91 -9.75 30.57 19.39
C ALA D 91 -10.92 29.71 18.86
N PHE D 92 -10.64 28.44 18.56
CA PHE D 92 -11.71 27.52 18.08
C PHE D 92 -12.77 27.36 19.20
N ARG D 93 -12.28 27.20 20.44
CA ARG D 93 -13.20 27.02 21.59
C ARG D 93 -14.07 28.27 21.78
N GLN D 94 -13.44 29.45 21.67
CA GLN D 94 -14.20 30.72 21.84
C GLN D 94 -15.27 30.87 20.74
N LEU D 95 -14.89 30.60 19.48
CA LEU D 95 -15.88 30.69 18.39
C LEU D 95 -17.02 29.68 18.57
N ALA D 96 -16.68 28.44 18.95
CA ALA D 96 -17.70 27.40 19.16
C ALA D 96 -18.62 27.82 20.32
N SER D 97 -18.01 28.34 21.37
CA SER D 97 -18.77 28.82 22.56
C SER D 97 -19.65 30.00 22.16
N ASP D 98 -19.15 30.89 21.30
CA ASP D 98 -19.89 32.13 20.95
C ASP D 98 -21.22 31.76 20.29
N VAL D 99 -21.22 30.75 19.42
CA VAL D 99 -22.47 30.35 18.70
C VAL D 99 -23.14 29.11 19.32
N ASP D 100 -22.64 28.55 20.43
CA ASP D 100 -23.20 27.25 20.92
C ASP D 100 -23.10 26.23 19.78
N ALA D 101 -21.95 26.14 19.13
CA ALA D 101 -21.83 25.32 17.90
C ALA D 101 -22.14 23.83 18.10
N ASN D 102 -22.91 23.27 17.16
CA ASN D 102 -23.20 21.81 17.16
C ASN D 102 -23.05 21.30 15.73
N GLY D 103 -22.71 20.03 15.59
CA GLY D 103 -22.57 19.42 14.24
C GLY D 103 -21.56 20.16 13.39
N ASN D 104 -21.97 20.53 12.18
CA ASN D 104 -21.07 21.17 11.16
C ASN D 104 -20.57 22.55 11.64
N ASP D 105 -21.26 23.17 12.60
CA ASP D 105 -20.82 24.48 13.13
C ASP D 105 -19.40 24.29 13.69
N ILE D 106 -19.12 23.12 14.28
CA ILE D 106 -17.78 22.87 14.87
C ILE D 106 -16.70 22.92 13.77
N ALA D 107 -16.99 22.34 12.60
CA ALA D 107 -16.02 22.39 11.48
C ALA D 107 -15.82 23.85 11.05
N ASP D 108 -16.91 24.61 10.98
CA ASP D 108 -16.81 26.04 10.57
C ASP D 108 -15.96 26.78 11.61
N ALA D 109 -16.19 26.48 12.89
CA ALA D 109 -15.46 27.17 13.97
C ALA D 109 -13.97 26.85 13.85
N HIS D 110 -13.69 25.57 13.59
CA HIS D 110 -12.27 25.16 13.54
C HIS D 110 -11.59 25.90 12.38
N LEU D 111 -12.25 25.98 11.22
CA LEU D 111 -11.71 26.72 10.05
C LEU D 111 -11.60 28.24 10.32
N ALA D 112 -12.60 28.82 10.98
CA ALA D 112 -12.67 30.27 11.32
C ALA D 112 -11.50 30.62 12.25
N ALA D 113 -11.12 29.69 13.13
CA ALA D 113 -10.05 29.90 14.12
C ALA D 113 -8.75 30.27 13.37
N TYR D 114 -8.48 29.70 12.18
CA TYR D 114 -7.22 30.14 11.52
C TYR D 114 -7.27 31.67 11.28
N ALA D 115 -8.41 32.20 10.83
CA ALA D 115 -8.52 33.66 10.62
C ALA D 115 -8.39 34.43 11.95
N LEU D 116 -9.06 33.93 12.99
CA LEU D 116 -9.07 34.65 14.29
C LEU D 116 -7.67 34.74 14.91
N GLU D 117 -6.92 33.64 14.92
CA GLU D 117 -5.56 33.57 15.51
C GLU D 117 -4.64 34.51 14.74
N ASN D 118 -4.84 34.57 13.42
CA ASN D 118 -4.00 35.41 12.53
C ASN D 118 -4.56 36.85 12.49
N ASN D 119 -5.70 37.11 13.14
CA ASN D 119 -6.34 38.44 13.02
C ASN D 119 -6.60 38.72 11.52
N ALA D 120 -7.03 37.73 10.76
CA ALA D 120 -7.20 37.86 9.28
C ALA D 120 -8.67 37.93 8.88
N THR D 121 -8.97 38.72 7.84
CA THR D 121 -10.33 38.74 7.28
C THR D 121 -10.60 37.36 6.65
N TRP D 122 -11.82 36.86 6.82
CA TRP D 122 -12.17 35.51 6.29
C TRP D 122 -13.08 35.72 5.10
N LEU D 123 -12.68 35.20 3.94
CA LEU D 123 -13.59 35.31 2.77
C LEU D 123 -14.22 33.96 2.50
N SER D 124 -15.55 33.89 2.56
CA SER D 124 -16.24 32.63 2.22
C SER D 124 -17.55 32.95 1.48
N ALA D 125 -17.90 32.09 0.53
CA ALA D 125 -19.19 32.20 -0.18
C ALA D 125 -20.29 32.00 0.87
N ASP D 126 -20.06 31.12 1.85
CA ASP D 126 -21.13 30.80 2.84
C ASP D 126 -21.37 32.04 3.70
N ARG D 127 -22.63 32.51 3.73
CA ARG D 127 -22.94 33.78 4.46
C ARG D 127 -23.22 33.43 5.92
N GLY D 128 -23.21 32.14 6.27
CA GLY D 128 -23.39 31.66 7.66
C GLY D 128 -22.26 32.13 8.55
N PHE D 129 -21.08 32.40 7.96
CA PHE D 129 -19.87 32.81 8.72
C PHE D 129 -20.16 34.15 9.43
N ALA D 130 -21.17 34.88 8.96
CA ALA D 130 -21.60 36.15 9.59
C ALA D 130 -22.02 35.89 11.05
N ARG D 131 -22.48 34.67 11.36
CA ARG D 131 -22.92 34.29 12.73
C ARG D 131 -21.76 34.42 13.73
N PHE D 132 -20.50 34.27 13.30
CA PHE D 132 -19.41 34.47 14.29
C PHE D 132 -19.07 35.96 14.41
N ARG D 133 -19.48 36.59 15.52
CA ARG D 133 -19.26 38.06 15.75
C ARG D 133 -17.77 38.40 15.88
N ARG D 134 -17.00 37.56 16.55
CA ARG D 134 -15.55 37.78 16.77
C ARG D 134 -14.85 37.80 15.40
N LEU D 135 -15.31 36.96 14.49
CA LEU D 135 -14.67 36.81 13.15
C LEU D 135 -14.90 38.00 12.21
N ARG D 136 -13.87 38.36 11.45
CA ARG D 136 -14.09 39.37 10.39
C ARG D 136 -14.35 38.59 9.10
N TRP D 137 -15.58 38.61 8.62
CA TRP D 137 -15.94 37.84 7.41
C TRP D 137 -16.47 38.75 6.33
N ARG D 138 -16.07 38.51 5.09
CA ARG D 138 -16.66 39.27 3.96
C ARG D 138 -16.96 38.28 2.83
N HIS D 139 -18.02 38.53 2.07
CA HIS D 139 -18.28 37.67 0.89
C HIS D 139 -17.11 37.89 -0.07
N PRO D 140 -16.60 36.85 -0.75
CA PRO D 140 -15.40 37.00 -1.58
C PRO D 140 -15.63 38.03 -2.68
N LEU D 141 -16.81 38.02 -3.31
CA LEU D 141 -17.16 38.99 -4.38
C LEU D 141 -17.36 40.39 -3.78
N ASP D 142 -17.03 41.45 -4.52
CA ASP D 142 -17.24 42.85 -4.06
C ASP D 142 -16.21 43.22 -2.97
N MET E 1 3.98 6.51 21.90
CA MET E 1 2.72 7.27 21.98
C MET E 1 1.61 6.53 21.23
N LEU E 2 0.39 6.59 21.77
CA LEU E 2 -0.77 6.01 21.06
C LEU E 2 -1.73 7.14 20.71
N CYS E 3 -2.18 7.19 19.46
CA CYS E 3 -3.17 8.20 19.02
C CYS E 3 -4.46 7.46 18.64
N VAL E 4 -5.60 8.09 18.90
CA VAL E 4 -6.92 7.43 18.68
C VAL E 4 -7.78 8.26 17.73
N ASP E 5 -8.63 7.59 16.95
CA ASP E 5 -9.57 8.22 15.99
C ASP E 5 -10.83 8.77 16.69
N VAL E 6 -11.64 9.51 15.94
CA VAL E 6 -12.93 10.06 16.44
C VAL E 6 -13.84 8.89 16.86
N ASN E 7 -13.81 7.79 16.10
CA ASN E 7 -14.74 6.66 16.36
C ASN E 7 -14.48 6.11 17.78
N VAL E 8 -13.21 6.05 18.19
CA VAL E 8 -12.91 5.51 19.54
C VAL E 8 -13.56 6.41 20.62
N LEU E 9 -13.44 7.75 20.47
CA LEU E 9 -14.04 8.70 21.43
C LEU E 9 -15.58 8.64 21.40
N VAL E 10 -16.13 8.58 20.18
CA VAL E 10 -17.62 8.55 20.07
C VAL E 10 -18.14 7.26 20.73
N TYR E 11 -17.50 6.13 20.44
CA TYR E 11 -17.98 4.85 21.02
C TYR E 11 -17.83 4.90 22.55
N ALA E 12 -16.69 5.42 23.00
CA ALA E 12 -16.44 5.42 24.46
C ALA E 12 -17.50 6.27 25.17
N HIS E 13 -18.03 7.30 24.53
CA HIS E 13 -18.92 8.23 25.29
C HIS E 13 -20.41 7.91 25.12
N ARG E 14 -20.79 7.36 23.98
CA ARG E 14 -22.27 7.15 23.81
C ARG E 14 -22.69 5.78 24.36
N ALA E 15 -23.41 5.79 25.48
CA ALA E 15 -23.87 4.55 26.17
C ALA E 15 -24.80 3.75 25.25
N ASP E 16 -25.62 4.43 24.45
CA ASP E 16 -26.64 3.79 23.57
C ASP E 16 -25.97 2.85 22.56
N LEU E 17 -24.77 3.19 22.07
CA LEU E 17 -24.07 2.38 21.04
C LEU E 17 -23.70 0.98 21.55
N ARG E 18 -23.76 -0.03 20.68
CA ARG E 18 -23.41 -1.44 21.02
C ARG E 18 -21.94 -1.56 21.43
N GLU E 19 -21.07 -0.82 20.76
CA GLU E 19 -19.60 -0.87 21.00
C GLU E 19 -19.22 -0.17 22.31
N HIS E 20 -20.16 0.52 22.96
CA HIS E 20 -19.76 1.45 24.06
C HIS E 20 -19.02 0.79 25.22
N ALA E 21 -19.44 -0.39 25.68
CA ALA E 21 -18.77 -0.96 26.89
C ALA E 21 -17.30 -1.26 26.61
N ASP E 22 -17.00 -1.85 25.44
CA ASP E 22 -15.59 -2.15 25.10
C ASP E 22 -14.76 -0.88 24.97
N TYR E 23 -15.31 0.12 24.28
CA TYR E 23 -14.55 1.38 24.03
C TYR E 23 -14.31 2.15 25.33
N ARG E 24 -15.32 2.20 26.18
CA ARG E 24 -15.19 2.97 27.44
C ARG E 24 -14.08 2.36 28.29
N GLY E 25 -14.02 1.02 28.39
CA GLY E 25 -12.91 0.38 29.12
C GLY E 25 -11.57 0.69 28.48
N LEU E 26 -11.52 0.61 27.15
CA LEU E 26 -10.23 0.82 26.47
C LEU E 26 -9.74 2.24 26.75
N LEU E 27 -10.65 3.21 26.63
CA LEU E 27 -10.25 4.63 26.75
C LEU E 27 -9.73 4.90 28.17
N GLU E 28 -10.44 4.36 29.15
CA GLU E 28 -10.02 4.56 30.56
C GLU E 28 -8.65 3.92 30.76
N ARG E 29 -8.43 2.73 30.19
CA ARG E 29 -7.07 2.15 30.31
C ARG E 29 -5.99 3.00 29.60
N LEU E 30 -6.26 3.49 28.39
CA LEU E 30 -5.26 4.35 27.68
C LEU E 30 -5.03 5.65 28.47
N ALA E 31 -6.11 6.25 28.96
CA ALA E 31 -6.03 7.57 29.63
C ALA E 31 -5.20 7.49 30.92
N ASN E 32 -5.32 6.40 31.67
CA ASN E 32 -4.60 6.23 32.97
C ASN E 32 -3.28 5.46 32.79
N ASP E 33 -2.98 5.04 31.56
CA ASP E 33 -1.73 4.29 31.24
C ASP E 33 -0.49 5.19 31.23
N ASP E 34 0.69 4.61 31.42
CA ASP E 34 1.97 5.36 31.29
C ASP E 34 2.18 5.87 29.85
N GLU E 35 1.85 5.06 28.84
CA GLU E 35 2.17 5.53 27.46
C GLU E 35 1.31 6.76 27.19
N PRO E 36 1.88 7.84 26.62
CA PRO E 36 1.10 9.04 26.37
C PRO E 36 -0.02 8.73 25.37
N LEU E 37 -1.21 9.27 25.62
CA LEU E 37 -2.32 9.11 24.67
C LEU E 37 -2.41 10.42 23.93
N GLY E 38 -2.18 10.40 22.63
CA GLY E 38 -2.13 11.69 21.91
C GLY E 38 -3.47 11.92 21.24
N LEU E 39 -4.09 13.07 21.52
CA LEU E 39 -5.38 13.39 20.90
C LEU E 39 -5.17 14.56 19.95
N PRO E 40 -5.34 14.32 18.64
CA PRO E 40 -5.23 15.39 17.68
C PRO E 40 -6.37 16.40 17.92
N ASP E 41 -6.07 17.67 17.67
CA ASP E 41 -7.14 18.69 17.78
C ASP E 41 -8.28 18.34 16.80
N SER E 42 -7.93 17.86 15.60
CA SER E 42 -8.95 17.50 14.59
C SER E 42 -9.81 16.35 15.15
N VAL E 43 -9.21 15.40 15.86
CA VAL E 43 -9.99 14.30 16.50
C VAL E 43 -10.97 14.81 17.59
N LEU E 44 -10.48 15.70 18.46
CA LEU E 44 -11.37 16.26 19.53
C LEU E 44 -12.49 17.08 18.88
N ALA E 45 -12.12 17.91 17.90
CA ALA E 45 -13.12 18.72 17.18
C ALA E 45 -14.09 17.76 16.46
N GLY E 46 -13.57 16.69 15.85
CA GLY E 46 -14.41 15.71 15.11
C GLY E 46 -15.39 15.02 16.06
N PHE E 47 -14.91 14.68 17.26
CA PHE E 47 -15.78 14.00 18.25
C PHE E 47 -16.94 14.93 18.61
N ILE E 48 -16.62 16.22 18.82
CA ILE E 48 -17.69 17.19 19.17
C ILE E 48 -18.67 17.30 18.01
N ARG E 49 -18.12 17.36 16.79
CA ARG E 49 -19.02 17.52 15.63
C ARG E 49 -19.96 16.30 15.53
N VAL E 50 -19.43 15.07 15.69
CA VAL E 50 -20.29 13.85 15.52
C VAL E 50 -21.34 13.68 16.64
N VAL E 51 -20.92 13.79 17.91
CA VAL E 51 -21.86 13.55 19.06
C VAL E 51 -22.96 14.61 19.09
N THR E 52 -22.61 15.87 18.82
CA THR E 52 -23.57 17.01 18.83
C THR E 52 -24.46 16.98 17.58
N ASN E 53 -24.12 16.16 16.59
CA ASN E 53 -24.82 16.23 15.28
C ASN E 53 -26.20 15.53 15.27
N ARG E 54 -27.23 16.27 14.89
CA ARG E 54 -28.62 15.75 14.79
C ARG E 54 -28.70 14.65 13.72
N ARG E 55 -27.98 14.84 12.62
CA ARG E 55 -28.03 13.86 11.50
C ARG E 55 -27.47 12.51 11.95
N VAL E 56 -26.37 12.44 12.69
CA VAL E 56 -25.88 11.13 13.24
C VAL E 56 -26.77 10.52 14.33
N PHE E 57 -27.24 11.35 15.26
CA PHE E 57 -27.93 10.79 16.46
C PHE E 57 -29.33 11.33 16.59
N THR E 58 -30.28 10.43 16.90
CA THR E 58 -31.67 10.91 17.12
C THR E 58 -31.60 11.86 18.31
N GLU E 59 -30.87 11.51 19.39
CA GLU E 59 -30.67 12.51 20.46
C GLU E 59 -29.17 12.86 20.50
N PRO E 60 -28.75 14.03 19.99
CA PRO E 60 -27.35 14.44 20.04
C PRO E 60 -26.88 14.84 21.45
N THR E 61 -25.61 14.63 21.75
CA THR E 61 -25.04 15.16 23.02
C THR E 61 -25.07 16.69 22.95
N SER E 62 -25.33 17.36 24.07
CA SER E 62 -25.25 18.85 24.10
C SER E 62 -23.79 19.27 23.89
N PRO E 63 -23.54 20.45 23.29
CA PRO E 63 -22.17 20.92 23.08
C PRO E 63 -21.53 21.03 24.47
N GLN E 64 -22.31 21.51 25.46
CA GLN E 64 -21.75 21.67 26.84
C GLN E 64 -21.29 20.31 27.36
N ASP E 65 -22.11 19.27 27.14
CA ASP E 65 -21.72 17.90 27.55
C ASP E 65 -20.49 17.45 26.75
N ALA E 66 -20.47 17.75 25.44
CA ALA E 66 -19.33 17.33 24.60
C ALA E 66 -18.02 18.00 25.06
N TRP E 67 -18.05 19.30 25.37
CA TRP E 67 -16.84 20.03 25.86
C TRP E 67 -16.36 19.46 27.19
N GLN E 68 -17.32 19.17 28.07
CA GLN E 68 -16.96 18.65 29.40
C GLN E 68 -16.25 17.30 29.20
N ALA E 69 -16.76 16.50 28.24
CA ALA E 69 -16.15 15.17 28.00
C ALA E 69 -14.71 15.34 27.52
N VAL E 70 -14.49 16.31 26.63
CA VAL E 70 -13.11 16.56 26.14
C VAL E 70 -12.26 17.02 27.33
N ASP E 71 -12.84 17.89 28.14
CA ASP E 71 -12.08 18.48 29.29
C ASP E 71 -11.70 17.35 30.26
N ALA E 72 -12.64 16.45 30.51
CA ALA E 72 -12.39 15.33 31.44
C ALA E 72 -11.27 14.44 30.88
N LEU E 73 -11.35 14.17 29.58
CA LEU E 73 -10.32 13.33 28.92
C LEU E 73 -8.95 14.00 28.95
N LEU E 74 -8.89 15.30 28.67
CA LEU E 74 -7.62 16.08 28.62
C LEU E 74 -7.02 16.07 30.04
N ALA E 75 -7.89 16.11 31.05
CA ALA E 75 -7.47 16.08 32.47
C ALA E 75 -6.73 14.77 32.80
N ALA E 76 -7.02 13.68 32.07
CA ALA E 76 -6.46 12.34 32.42
C ALA E 76 -4.93 12.34 32.30
N PRO E 77 -4.21 11.56 33.14
CA PRO E 77 -2.74 11.68 33.21
C PRO E 77 -1.96 11.38 31.91
N ALA E 78 -2.35 10.33 31.20
CA ALA E 78 -1.74 9.97 29.89
C ALA E 78 -2.01 11.02 28.83
N ALA E 79 -3.19 11.64 28.86
CA ALA E 79 -3.65 12.47 27.73
C ALA E 79 -2.85 13.73 27.43
N MET E 80 -2.56 13.92 26.15
CA MET E 80 -1.95 15.20 25.72
C MET E 80 -2.63 15.58 24.39
N ARG E 81 -3.13 16.81 24.29
CA ARG E 81 -3.68 17.26 23.01
C ARG E 81 -2.52 17.44 22.03
N LEU E 82 -2.75 17.16 20.77
CA LEU E 82 -1.70 17.38 19.75
C LEU E 82 -2.16 18.42 18.73
N ARG E 83 -1.29 19.39 18.45
CA ARG E 83 -1.55 20.40 17.40
C ARG E 83 -0.59 20.06 16.25
N PRO E 84 -0.94 20.27 14.97
CA PRO E 84 -0.03 19.83 13.92
C PRO E 84 1.34 20.52 14.03
N GLY E 85 2.39 19.73 13.87
CA GLY E 85 3.78 20.20 13.89
C GLY E 85 4.25 20.72 12.55
N GLU E 86 5.49 21.20 12.51
CA GLU E 86 6.09 21.74 11.26
C GLU E 86 6.12 20.60 10.23
N ARG E 87 6.40 19.37 10.65
CA ARG E 87 6.45 18.15 9.78
C ARG E 87 5.06 17.67 9.28
N HIS E 88 3.95 18.11 9.89
CA HIS E 88 2.63 17.51 9.55
C HIS E 88 2.25 17.67 8.06
N TRP E 89 2.46 18.83 7.48
CA TRP E 89 2.01 19.04 6.07
C TRP E 89 2.75 18.10 5.10
N MET E 90 4.07 17.95 5.26
CA MET E 90 4.85 17.01 4.40
C MET E 90 4.43 15.56 4.68
N ALA E 91 4.19 15.20 5.95
CA ALA E 91 3.71 13.84 6.26
C ALA E 91 2.35 13.62 5.60
N PHE E 92 1.48 14.64 5.67
CA PHE E 92 0.15 14.54 5.03
C PHE E 92 0.31 14.34 3.50
N ARG E 93 1.21 15.11 2.89
CA ARG E 93 1.46 15.00 1.42
C ARG E 93 1.99 13.60 1.09
N GLN E 94 2.91 13.12 1.93
CA GLN E 94 3.52 11.78 1.72
C GLN E 94 2.48 10.65 1.82
N LEU E 95 1.61 10.71 2.84
CA LEU E 95 0.55 9.68 2.98
C LEU E 95 -0.43 9.73 1.80
N ALA E 96 -0.83 10.94 1.39
CA ALA E 96 -1.78 11.11 0.28
C ALA E 96 -1.12 10.56 -1.01
N SER E 97 0.16 10.89 -1.20
CA SER E 97 0.93 10.43 -2.37
C SER E 97 1.05 8.90 -2.31
N ASP E 98 1.23 8.37 -1.11
CA ASP E 98 1.45 6.91 -0.94
C ASP E 98 0.21 6.19 -1.48
N VAL E 99 -0.99 6.71 -1.23
CA VAL E 99 -2.21 5.99 -1.67
C VAL E 99 -2.90 6.65 -2.89
N ASP E 100 -2.32 7.65 -3.55
CA ASP E 100 -3.05 8.37 -4.63
C ASP E 100 -4.40 8.86 -4.07
N ALA E 101 -4.37 9.44 -2.87
CA ALA E 101 -5.64 9.73 -2.17
C ALA E 101 -6.58 10.67 -2.93
N ASN E 102 -7.86 10.31 -2.97
CA ASN E 102 -8.89 11.21 -3.57
C ASN E 102 -10.11 11.25 -2.64
N GLY E 103 -10.87 12.33 -2.73
CA GLY E 103 -12.09 12.44 -1.91
C GLY E 103 -11.78 12.32 -0.42
N ASN E 104 -12.53 11.49 0.30
CA ASN E 104 -12.38 11.35 1.77
C ASN E 104 -10.99 10.80 2.17
N ASP E 105 -10.27 10.17 1.23
CA ASP E 105 -8.92 9.63 1.52
C ASP E 105 -8.06 10.80 2.03
N ILE E 106 -8.24 11.99 1.48
CA ILE E 106 -7.43 13.17 1.89
C ILE E 106 -7.67 13.45 3.39
N ALA E 107 -8.92 13.35 3.84
CA ALA E 107 -9.24 13.56 5.27
C ALA E 107 -8.54 12.49 6.13
N ASP E 108 -8.55 11.24 5.66
CA ASP E 108 -7.87 10.14 6.41
C ASP E 108 -6.37 10.42 6.49
N ALA E 109 -5.79 10.87 5.38
CA ALA E 109 -4.35 11.17 5.33
C ALA E 109 -4.01 12.33 6.27
N HIS E 110 -4.86 13.35 6.26
CA HIS E 110 -4.59 14.54 7.11
C HIS E 110 -4.61 14.12 8.58
N LEU E 111 -5.60 13.30 8.98
CA LEU E 111 -5.69 12.76 10.36
C LEU E 111 -4.53 11.81 10.69
N ALA E 112 -4.17 10.93 9.76
CA ALA E 112 -3.10 9.91 9.92
C ALA E 112 -1.75 10.63 10.11
N ALA E 113 -1.58 11.78 9.45
CA ALA E 113 -0.33 12.56 9.53
C ALA E 113 -0.04 12.92 10.99
N TYR E 114 -1.07 13.13 11.83
CA TYR E 114 -0.70 13.41 13.24
C TYR E 114 0.08 12.22 13.82
N ALA E 115 -0.34 10.99 13.57
CA ALA E 115 0.38 9.80 14.07
C ALA E 115 1.79 9.68 13.46
N LEU E 116 1.91 9.92 12.16
CA LEU E 116 3.22 9.77 11.48
C LEU E 116 4.26 10.77 12.00
N GLU E 117 3.87 12.03 12.17
CA GLU E 117 4.76 13.11 12.64
C GLU E 117 5.21 12.81 14.07
N ASN E 118 4.31 12.27 14.87
CA ASN E 118 4.62 11.92 16.28
C ASN E 118 5.23 10.52 16.35
N ASN E 119 5.33 9.81 15.22
CA ASN E 119 5.82 8.41 15.27
C ASN E 119 4.93 7.59 16.24
N ALA E 120 3.61 7.78 16.19
CA ALA E 120 2.67 7.16 17.16
C ALA E 120 1.81 6.06 16.54
N THR E 121 1.47 5.03 17.32
CA THR E 121 0.50 4.05 16.80
C THR E 121 -0.85 4.75 16.62
N TRP E 122 -1.53 4.44 15.52
CA TRP E 122 -2.86 5.01 15.26
C TRP E 122 -3.88 3.91 15.53
N LEU E 123 -4.80 4.15 16.48
CA LEU E 123 -5.88 3.15 16.68
C LEU E 123 -7.15 3.68 16.05
N SER E 124 -7.71 2.95 15.09
CA SER E 124 -9.03 3.35 14.52
C SER E 124 -9.93 2.14 14.26
N ALA E 125 -11.23 2.32 14.41
CA ALA E 125 -12.22 1.28 14.06
C ALA E 125 -12.11 1.05 12.54
N ASP E 126 -11.85 2.11 11.77
CA ASP E 126 -11.84 1.95 10.29
C ASP E 126 -10.64 1.10 9.89
N ARG E 127 -10.89 -0.01 9.20
CA ARG E 127 -9.80 -0.97 8.83
C ARG E 127 -9.13 -0.49 7.53
N GLY E 128 -9.67 0.55 6.91
CA GLY E 128 -9.08 1.17 5.70
C GLY E 128 -7.72 1.76 5.99
N PHE E 129 -7.44 2.09 7.27
CA PHE E 129 -6.16 2.73 7.69
C PHE E 129 -4.98 1.80 7.38
N ALA E 130 -5.24 0.52 7.24
CA ALA E 130 -4.20 -0.49 6.89
C ALA E 130 -3.58 -0.14 5.52
N ARG E 131 -4.34 0.53 4.66
CA ARG E 131 -3.86 0.94 3.29
C ARG E 131 -2.64 1.87 3.38
N PHE E 132 -2.48 2.67 4.45
CA PHE E 132 -1.24 3.48 4.54
C PHE E 132 -0.13 2.63 5.16
N ARG E 133 0.85 2.23 4.34
CA ARG E 133 2.01 1.37 4.79
C ARG E 133 2.91 2.09 5.79
N ARG E 134 3.16 3.39 5.57
CA ARG E 134 4.04 4.19 6.45
C ARG E 134 3.40 4.24 7.86
N LEU E 135 2.08 4.31 7.92
CA LEU E 135 1.35 4.44 9.21
C LEU E 135 1.38 3.16 10.06
N ARG E 136 1.51 3.31 11.37
CA ARG E 136 1.39 2.13 12.25
C ARG E 136 -0.04 2.14 12.76
N TRP E 137 -0.85 1.20 12.29
CA TRP E 137 -2.29 1.20 12.64
C TRP E 137 -2.66 -0.14 13.28
N ARG E 138 -3.43 -0.07 14.37
CA ARG E 138 -3.92 -1.29 15.04
C ARG E 138 -5.42 -1.09 15.29
N HIS E 139 -6.21 -2.15 15.19
CA HIS E 139 -7.65 -2.00 15.55
C HIS E 139 -7.69 -1.66 17.04
N PRO E 140 -8.58 -0.75 17.50
CA PRO E 140 -8.52 -0.30 18.89
C PRO E 140 -8.78 -1.51 19.82
N LEU E 141 -9.73 -2.37 19.46
CA LEU E 141 -9.97 -3.62 20.24
C LEU E 141 -8.73 -4.54 20.14
N ASP E 142 -8.12 -4.65 18.95
CA ASP E 142 -6.89 -5.47 18.77
C ASP E 142 -5.82 -5.04 19.79
N MET F 1 4.95 20.81 -7.80
CA MET F 1 6.13 20.00 -7.45
C MET F 1 7.19 20.10 -8.55
N LEU F 2 8.47 20.25 -8.18
CA LEU F 2 9.57 20.32 -9.17
C LEU F 2 10.46 19.09 -9.00
N CYS F 3 10.71 18.37 -10.08
CA CYS F 3 11.56 17.16 -10.05
C CYS F 3 12.87 17.48 -10.77
N VAL F 4 13.99 16.92 -10.31
CA VAL F 4 15.31 17.31 -10.89
C VAL F 4 16.12 16.12 -11.41
N ASP F 5 16.87 16.36 -12.50
CA ASP F 5 17.72 15.32 -13.15
C ASP F 5 19.06 15.16 -12.42
N VAL F 6 19.83 14.15 -12.83
CA VAL F 6 21.17 13.88 -12.25
C VAL F 6 22.12 15.07 -12.44
N ASN F 7 22.06 15.71 -13.60
CA ASN F 7 23.02 16.80 -13.91
C ASN F 7 22.84 17.93 -12.88
N VAL F 8 21.60 18.18 -12.49
CA VAL F 8 21.35 19.30 -11.54
C VAL F 8 22.07 19.03 -10.20
N LEU F 9 21.98 17.82 -9.66
CA LEU F 9 22.70 17.46 -8.42
C LEU F 9 24.23 17.47 -8.62
N VAL F 10 24.68 16.96 -9.77
CA VAL F 10 26.15 16.88 -9.99
C VAL F 10 26.77 18.28 -10.05
N TYR F 11 26.11 19.17 -10.79
CA TYR F 11 26.63 20.55 -10.92
C TYR F 11 26.59 21.22 -9.54
N ALA F 12 25.49 20.99 -8.82
CA ALA F 12 25.34 21.65 -7.49
C ALA F 12 26.43 21.16 -6.54
N HIS F 13 26.86 19.93 -6.65
CA HIS F 13 27.80 19.40 -5.62
C HIS F 13 29.28 19.54 -5.99
N ARG F 14 29.59 19.49 -7.31
CA ARG F 14 31.03 19.52 -7.64
C ARG F 14 31.52 20.96 -7.85
N ALA F 15 32.38 21.42 -6.94
CA ALA F 15 32.94 22.80 -6.95
C ALA F 15 33.77 23.04 -8.20
N ASP F 16 34.51 22.03 -8.66
CA ASP F 16 35.45 22.15 -9.80
C ASP F 16 34.73 22.54 -11.10
N LEU F 17 33.50 22.07 -11.31
CA LEU F 17 32.73 22.37 -12.55
C LEU F 17 32.39 23.87 -12.68
N ARG F 18 32.37 24.37 -13.91
CA ARG F 18 32.05 25.80 -14.22
C ARG F 18 30.61 26.14 -13.81
N GLU F 19 29.66 25.23 -13.99
CA GLU F 19 28.22 25.44 -13.70
C GLU F 19 27.93 25.48 -12.19
N HIS F 20 28.90 25.18 -11.33
CA HIS F 20 28.61 24.95 -9.90
C HIS F 20 27.96 26.11 -9.13
N ALA F 21 28.38 27.38 -9.32
CA ALA F 21 27.77 28.44 -8.47
C ALA F 21 26.28 28.59 -8.73
N ASP F 22 25.88 28.61 -10.00
CA ASP F 22 24.45 28.73 -10.36
C ASP F 22 23.62 27.53 -9.87
N TYR F 23 24.14 26.31 -10.09
CA TYR F 23 23.43 25.08 -9.67
C TYR F 23 23.31 24.99 -8.13
N ARG F 24 24.38 25.33 -7.42
CA ARG F 24 24.35 25.20 -5.94
C ARG F 24 23.31 26.17 -5.39
N GLY F 25 23.30 27.41 -5.94
CA GLY F 25 22.29 28.36 -5.47
C GLY F 25 20.90 27.85 -5.80
N LEU F 26 20.72 27.32 -7.02
CA LEU F 26 19.35 26.90 -7.37
C LEU F 26 18.90 25.76 -6.46
N LEU F 27 19.79 24.79 -6.21
CA LEU F 27 19.40 23.60 -5.42
C LEU F 27 19.03 24.02 -4.01
N GLU F 28 19.83 24.92 -3.44
CA GLU F 28 19.57 25.38 -2.05
C GLU F 28 18.21 26.08 -2.05
N ARG F 29 17.91 26.87 -3.08
CA ARG F 29 16.57 27.51 -3.16
C ARG F 29 15.43 26.49 -3.32
N LEU F 30 15.62 25.51 -4.21
CA LEU F 30 14.55 24.49 -4.44
C LEU F 30 14.30 23.69 -3.16
N ALA F 31 15.38 23.33 -2.47
CA ALA F 31 15.32 22.49 -1.25
C ALA F 31 14.58 23.22 -0.11
N ASN F 32 14.79 24.53 0.00
CA ASN F 32 14.20 25.33 1.12
C ASN F 32 12.83 25.97 0.75
N ASP F 33 12.38 25.84 -0.49
CA ASP F 33 11.10 26.43 -0.97
C ASP F 33 9.86 25.67 -0.49
N ASP F 34 8.69 26.32 -0.50
CA ASP F 34 7.43 25.61 -0.20
C ASP F 34 7.15 24.52 -1.24
N GLU F 35 7.38 24.81 -2.52
CA GLU F 35 7.00 23.75 -3.49
C GLU F 35 7.91 22.53 -3.21
N PRO F 36 7.36 21.31 -3.20
CA PRO F 36 8.16 20.13 -2.90
C PRO F 36 9.22 19.90 -3.98
N LEU F 37 10.41 19.47 -3.56
CA LEU F 37 11.45 19.10 -4.54
C LEU F 37 11.38 17.56 -4.65
N GLY F 38 10.99 17.06 -5.80
CA GLY F 38 10.82 15.61 -5.92
C GLY F 38 12.12 14.98 -6.37
N LEU F 39 12.62 14.03 -5.60
CA LEU F 39 13.89 13.39 -5.96
C LEU F 39 13.64 11.90 -6.26
N PRO F 40 13.72 11.52 -7.54
CA PRO F 40 13.52 10.14 -7.91
C PRO F 40 14.66 9.29 -7.32
N ASP F 41 14.33 8.06 -6.97
CA ASP F 41 15.36 7.14 -6.45
C ASP F 41 16.42 7.00 -7.55
N SER F 42 15.98 6.92 -8.81
CA SER F 42 16.91 6.72 -9.96
C SER F 42 17.88 7.92 -10.03
N VAL F 43 17.36 9.13 -9.82
CA VAL F 43 18.21 10.35 -9.82
C VAL F 43 19.25 10.37 -8.69
N LEU F 44 18.83 10.04 -7.46
CA LEU F 44 19.80 10.01 -6.33
C LEU F 44 20.86 8.94 -6.60
N ALA F 45 20.40 7.76 -7.05
CA ALA F 45 21.34 6.67 -7.39
C ALA F 45 22.26 7.12 -8.55
N GLY F 46 21.66 7.77 -9.56
CA GLY F 46 22.43 8.24 -10.74
C GLY F 46 23.49 9.26 -10.31
N PHE F 47 23.12 10.15 -9.38
CA PHE F 47 24.08 11.18 -8.89
C PHE F 47 25.27 10.51 -8.21
N ILE F 48 25.01 9.50 -7.36
CA ILE F 48 26.13 8.78 -6.68
C ILE F 48 26.99 8.06 -7.74
N ARG F 49 26.33 7.45 -8.72
CA ARG F 49 27.12 6.69 -9.71
C ARG F 49 28.04 7.66 -10.46
N VAL F 50 27.54 8.85 -10.87
CA VAL F 50 28.38 9.82 -11.66
C VAL F 50 29.54 10.46 -10.87
N VAL F 51 29.25 10.95 -9.67
CA VAL F 51 30.28 11.66 -8.83
C VAL F 51 31.40 10.70 -8.43
N THR F 52 31.04 9.46 -8.12
CA THR F 52 32.01 8.43 -7.62
C THR F 52 32.72 7.78 -8.82
N ASN F 53 32.35 8.13 -10.05
CA ASN F 53 32.88 7.41 -11.24
C ASN F 53 34.26 7.90 -11.69
N ARG F 54 35.23 6.99 -11.73
CA ARG F 54 36.63 7.29 -12.18
C ARG F 54 36.62 7.68 -13.66
N ARG F 55 35.76 7.04 -14.45
CA ARG F 55 35.65 7.40 -15.87
C ARG F 55 35.16 8.85 -16.03
N VAL F 56 34.18 9.29 -15.23
CA VAL F 56 33.71 10.72 -15.27
C VAL F 56 34.66 11.81 -14.72
N PHE F 57 35.29 11.59 -13.56
CA PHE F 57 36.07 12.66 -12.89
C PHE F 57 37.50 12.19 -12.62
N THR F 58 38.45 13.11 -12.79
CA THR F 58 39.86 12.76 -12.52
C THR F 58 39.96 12.42 -11.03
N GLU F 59 39.32 13.23 -10.17
CA GLU F 59 39.27 12.89 -8.74
C GLU F 59 37.80 12.69 -8.38
N PRO F 60 37.31 11.44 -8.34
CA PRO F 60 35.91 11.21 -8.05
C PRO F 60 35.59 11.52 -6.59
N THR F 61 34.35 11.92 -6.33
CA THR F 61 33.89 12.07 -4.92
C THR F 61 33.90 10.68 -4.25
N SER F 62 34.22 10.59 -2.95
CA SER F 62 34.10 9.30 -2.21
C SER F 62 32.61 8.92 -2.10
N PRO F 63 32.27 7.61 -2.05
CA PRO F 63 30.89 7.17 -1.88
C PRO F 63 30.40 7.71 -0.52
N GLN F 64 31.28 7.69 0.48
CA GLN F 64 30.87 8.18 1.82
C GLN F 64 30.45 9.66 1.66
N ASP F 65 31.22 10.45 0.91
CA ASP F 65 30.83 11.87 0.64
C ASP F 65 29.55 11.97 -0.20
N ALA F 66 29.44 11.12 -1.24
CA ALA F 66 28.25 11.18 -2.11
C ALA F 66 26.98 10.83 -1.31
N TRP F 67 27.05 9.79 -0.47
CA TRP F 67 25.88 9.37 0.35
C TRP F 67 25.51 10.48 1.35
N GLN F 68 26.52 11.11 1.96
CA GLN F 68 26.25 12.21 2.95
C GLN F 68 25.54 13.38 2.22
N ALA F 69 25.97 13.67 0.99
CA ALA F 69 25.32 14.74 0.21
C ALA F 69 23.84 14.36 -0.04
N VAL F 70 23.59 13.09 -0.38
CA VAL F 70 22.19 12.64 -0.60
C VAL F 70 21.42 12.76 0.72
N ASP F 71 22.06 12.34 1.80
CA ASP F 71 21.37 12.33 3.11
C ASP F 71 21.00 13.78 3.49
N ALA F 72 21.93 14.70 3.27
CA ALA F 72 21.70 16.12 3.61
C ALA F 72 20.55 16.70 2.78
N LEU F 73 20.53 16.38 1.48
CA LEU F 73 19.45 16.85 0.59
C LEU F 73 18.09 16.27 0.99
N LEU F 74 18.02 14.99 1.33
CA LEU F 74 16.75 14.32 1.75
C LEU F 74 16.28 15.01 3.05
N ALA F 75 17.21 15.43 3.88
CA ALA F 75 16.92 16.15 5.15
C ALA F 75 16.20 17.49 4.89
N ALA F 76 16.38 18.09 3.70
CA ALA F 76 15.83 19.45 3.42
C ALA F 76 14.30 19.49 3.51
N PRO F 77 13.73 20.64 3.95
CA PRO F 77 12.29 20.68 4.20
C PRO F 77 11.44 20.39 2.96
N ALA F 78 11.80 20.94 1.81
CA ALA F 78 11.11 20.67 0.52
C ALA F 78 11.28 19.23 0.02
N ALA F 79 12.45 18.64 0.29
CA ALA F 79 12.80 17.37 -0.40
C ALA F 79 11.84 16.21 -0.13
N MET F 80 11.41 15.54 -1.20
CA MET F 80 10.59 14.32 -1.09
C MET F 80 11.25 13.26 -1.97
N ARG F 81 11.60 12.10 -1.40
CA ARG F 81 12.11 11.01 -2.24
C ARG F 81 10.93 10.46 -3.04
N LEU F 82 11.14 10.12 -4.30
CA LEU F 82 10.06 9.48 -5.10
C LEU F 82 10.46 8.04 -5.50
N ARG F 83 9.56 7.08 -5.29
CA ARG F 83 9.77 5.65 -5.64
C ARG F 83 8.84 5.38 -6.83
N PRO F 84 9.22 4.61 -7.86
CA PRO F 84 8.37 4.53 -9.04
C PRO F 84 6.97 4.02 -8.67
N GLY F 85 5.95 4.73 -9.13
CA GLY F 85 4.53 4.43 -8.83
C GLY F 85 3.93 3.30 -9.64
N GLU F 86 2.75 2.85 -9.22
CA GLU F 86 2.02 1.87 -10.05
C GLU F 86 1.78 2.62 -11.36
N ARG F 87 1.48 3.92 -11.27
CA ARG F 87 1.34 4.81 -12.45
C ARG F 87 2.67 4.99 -13.21
N HIS F 88 3.81 4.87 -12.53
CA HIS F 88 5.10 5.21 -13.20
C HIS F 88 5.35 4.34 -14.45
N TRP F 89 5.09 3.04 -14.36
CA TRP F 89 5.38 2.16 -15.50
C TRP F 89 4.53 2.57 -16.72
N MET F 90 3.25 2.84 -16.48
CA MET F 90 2.35 3.25 -17.58
C MET F 90 2.82 4.60 -18.16
N ALA F 91 3.20 5.52 -17.27
CA ALA F 91 3.68 6.84 -17.72
C ALA F 91 4.96 6.66 -18.55
N PHE F 92 5.83 5.76 -18.11
CA PHE F 92 7.09 5.50 -18.85
C PHE F 92 6.77 4.96 -20.25
N ARG F 93 5.82 4.03 -20.33
CA ARG F 93 5.43 3.44 -21.64
C ARG F 93 4.83 4.52 -22.56
N GLN F 94 3.99 5.38 -21.98
CA GLN F 94 3.34 6.46 -22.78
C GLN F 94 4.40 7.42 -23.35
N LEU F 95 5.37 7.80 -22.51
CA LEU F 95 6.45 8.70 -22.99
C LEU F 95 7.28 7.99 -24.08
N ALA F 96 7.60 6.72 -23.88
CA ALA F 96 8.43 5.97 -24.87
C ALA F 96 7.68 5.84 -26.20
N SER F 97 6.40 5.51 -26.14
CA SER F 97 5.54 5.36 -27.36
C SER F 97 5.45 6.72 -28.04
N ASP F 98 5.37 7.78 -27.24
CA ASP F 98 5.16 9.13 -27.81
C ASP F 98 6.34 9.44 -28.74
N VAL F 99 7.56 9.07 -28.36
CA VAL F 99 8.77 9.43 -29.18
C VAL F 99 9.34 8.23 -29.97
N ASP F 100 8.68 7.06 -29.97
CA ASP F 100 9.30 5.87 -30.63
C ASP F 100 10.68 5.68 -29.99
N ALA F 101 10.76 5.77 -28.65
CA ALA F 101 12.08 5.84 -27.98
C ALA F 101 12.98 4.63 -28.24
N ASN F 102 14.26 4.89 -28.49
CA ASN F 102 15.27 3.82 -28.71
C ASN F 102 16.59 4.18 -28.00
N GLY F 103 17.36 3.17 -27.63
CA GLY F 103 18.64 3.40 -26.94
C GLY F 103 18.46 4.24 -25.69
N ASN F 104 19.22 5.31 -25.56
CA ASN F 104 19.26 6.23 -24.38
C ASN F 104 17.89 6.92 -24.14
N ASP F 105 17.07 7.04 -25.19
CA ASP F 105 15.74 7.68 -25.07
C ASP F 105 14.95 6.90 -23.99
N ILE F 106 15.11 5.59 -23.93
CA ILE F 106 14.37 4.76 -22.95
C ILE F 106 14.75 5.21 -21.52
N ALA F 107 16.04 5.44 -21.27
CA ALA F 107 16.49 5.89 -19.95
C ALA F 107 15.88 7.26 -19.62
N ASP F 108 15.85 8.16 -20.62
CA ASP F 108 15.22 9.50 -20.46
C ASP F 108 13.73 9.35 -20.18
N ALA F 109 13.06 8.45 -20.90
CA ALA F 109 11.60 8.25 -20.71
C ALA F 109 11.34 7.77 -19.27
N HIS F 110 12.18 6.86 -18.80
CA HIS F 110 11.99 6.31 -17.43
C HIS F 110 12.16 7.43 -16.37
N LEU F 111 13.17 8.28 -16.53
CA LEU F 111 13.37 9.45 -15.63
C LEU F 111 12.20 10.45 -15.75
N ALA F 112 11.76 10.71 -16.98
CA ALA F 112 10.67 11.68 -17.29
C ALA F 112 9.37 11.19 -16.64
N ALA F 113 9.18 9.89 -16.59
CA ALA F 113 7.92 9.29 -16.07
C ALA F 113 7.71 9.76 -14.60
N TYR F 114 8.77 9.89 -13.82
CA TYR F 114 8.52 10.36 -12.43
C TYR F 114 7.86 11.74 -12.44
N ALA F 115 8.30 12.65 -13.30
CA ALA F 115 7.65 13.98 -13.40
C ALA F 115 6.20 13.87 -13.90
N LEU F 116 5.97 13.06 -14.93
CA LEU F 116 4.62 12.94 -15.55
C LEU F 116 3.59 12.35 -14.58
N GLU F 117 3.99 11.32 -13.83
CA GLU F 117 3.08 10.63 -12.88
C GLU F 117 2.66 11.66 -11.81
N ASN F 118 3.60 12.51 -11.39
CA ASN F 118 3.32 13.54 -10.36
C ASN F 118 2.76 14.85 -10.97
N ASN F 119 2.67 14.96 -12.30
CA ASN F 119 2.29 16.27 -12.93
C ASN F 119 3.26 17.32 -12.41
N ALA F 120 4.54 16.98 -12.32
CA ALA F 120 5.58 17.88 -11.78
C ALA F 120 6.40 18.49 -12.91
N THR F 121 6.96 19.67 -12.66
CA THR F 121 7.91 20.23 -13.66
C THR F 121 9.17 19.35 -13.64
N TRP F 122 9.76 19.07 -14.79
CA TRP F 122 11.02 18.27 -14.83
C TRP F 122 12.15 19.24 -15.12
N LEU F 123 13.11 19.35 -14.24
CA LEU F 123 14.23 20.25 -14.59
C LEU F 123 15.44 19.43 -15.02
N SER F 124 15.87 19.64 -16.27
CA SER F 124 17.12 18.95 -16.72
C SER F 124 17.98 19.85 -17.61
N ALA F 125 19.29 19.76 -17.47
CA ALA F 125 20.26 20.46 -18.34
C ALA F 125 20.08 19.90 -19.76
N ASP F 126 19.78 18.59 -19.85
CA ASP F 126 19.67 17.95 -21.19
C ASP F 126 18.48 18.55 -21.96
N ARG F 127 18.70 19.02 -23.18
CA ARG F 127 17.62 19.68 -23.96
C ARG F 127 16.87 18.61 -24.76
N GLY F 128 17.32 17.35 -24.69
CA GLY F 128 16.65 16.21 -25.34
C GLY F 128 15.24 16.01 -24.79
N PHE F 129 15.01 16.35 -23.51
CA PHE F 129 13.70 16.13 -22.82
C PHE F 129 12.62 16.97 -23.55
N ALA F 130 13.06 17.96 -24.34
CA ALA F 130 12.12 18.78 -25.14
C ALA F 130 11.37 17.85 -26.11
N ARG F 131 11.93 16.68 -26.41
CA ARG F 131 11.27 15.68 -27.29
C ARG F 131 9.93 15.23 -26.69
N PHE F 132 9.81 15.13 -25.35
CA PHE F 132 8.54 14.59 -24.80
C PHE F 132 7.53 15.73 -24.70
N ARG F 133 6.59 15.78 -25.66
CA ARG F 133 5.58 16.87 -25.71
C ARG F 133 4.70 16.78 -24.44
N ARG F 134 4.39 15.56 -24.01
CA ARG F 134 3.56 15.35 -22.81
C ARG F 134 4.27 15.92 -21.56
N LEU F 135 5.59 15.78 -21.47
CA LEU F 135 6.35 16.20 -20.26
C LEU F 135 6.40 17.71 -20.05
N ARG F 136 6.31 18.18 -18.80
CA ARG F 136 6.53 19.62 -18.56
C ARG F 136 8.02 19.72 -18.19
N TRP F 137 8.85 20.16 -19.15
CA TRP F 137 10.32 20.21 -18.94
C TRP F 137 10.81 21.65 -19.02
N ARG F 138 11.67 22.04 -18.11
CA ARG F 138 12.28 23.39 -18.14
C ARG F 138 13.79 23.28 -17.90
N HIS F 139 14.58 24.16 -18.52
CA HIS F 139 16.02 24.21 -18.19
C HIS F 139 16.10 24.66 -16.73
N PRO F 140 17.05 24.14 -15.93
CA PRO F 140 17.14 24.45 -14.48
C PRO F 140 17.40 25.95 -14.24
N LEU F 141 18.21 26.58 -15.09
CA LEU F 141 18.59 28.01 -14.95
C LEU F 141 17.56 28.89 -15.68
N ASP F 142 16.54 28.28 -16.27
CA ASP F 142 15.47 29.01 -17.00
C ASP F 142 14.18 29.03 -16.17
N TYR G 1 18.52 24.09 4.60
CA TYR G 1 19.44 23.18 3.86
C TYR G 1 20.53 23.97 3.13
N ARG G 2 21.78 23.56 3.32
CA ARG G 2 22.92 24.17 2.58
C ARG G 2 23.73 23.05 1.90
N VAL G 3 24.07 23.22 0.62
CA VAL G 3 24.95 22.22 -0.06
C VAL G 3 26.36 22.30 0.54
N GLN G 4 27.02 21.17 0.75
CA GLN G 4 28.45 21.25 1.14
C GLN G 4 29.22 20.90 -0.13
N PRO G 5 29.86 21.89 -0.80
CA PRO G 5 30.57 21.64 -2.05
C PRO G 5 31.88 20.87 -1.82
N SER G 6 32.26 20.09 -2.82
CA SER G 6 33.54 19.35 -2.75
C SER G 6 34.02 19.04 -4.16
N GLY G 7 35.27 18.62 -4.28
CA GLY G 7 35.80 18.15 -5.57
C GLY G 7 36.81 19.05 -6.22
N LYS G 8 37.74 18.43 -6.95
CA LYS G 8 38.82 19.17 -7.65
C LYS G 8 39.32 18.33 -8.82
N GLY G 9 40.01 18.95 -9.79
CA GLY G 9 40.64 18.26 -10.92
C GLY G 9 39.76 18.16 -12.14
N GLY G 10 38.48 18.48 -12.00
CA GLY G 10 37.59 18.56 -13.18
C GLY G 10 37.17 17.23 -13.78
N LEU G 11 36.59 17.28 -14.97
CA LEU G 11 36.13 16.08 -15.72
C LEU G 11 37.23 15.35 -16.47
N ARG G 12 37.03 14.07 -16.78
CA ARG G 12 37.95 13.34 -17.70
C ARG G 12 37.72 13.88 -19.12
N PRO G 13 38.67 13.80 -20.06
CA PRO G 13 38.49 14.34 -21.40
C PRO G 13 37.36 13.65 -22.20
N GLY G 14 36.59 14.42 -22.97
CA GLY G 14 35.51 13.86 -23.82
C GLY G 14 34.22 13.59 -23.06
N VAL G 15 34.18 13.93 -21.77
CA VAL G 15 32.98 13.64 -20.94
C VAL G 15 32.13 14.93 -20.89
N ASP G 16 30.83 14.83 -21.24
CA ASP G 16 29.94 16.01 -21.06
C ASP G 16 28.78 15.62 -20.13
N LEU G 17 28.64 16.31 -18.99
CA LEU G 17 27.57 16.00 -17.99
C LEU G 17 26.21 16.32 -18.57
N SER G 18 26.13 17.27 -19.48
CA SER G 18 24.86 17.76 -20.08
C SER G 18 24.12 16.62 -20.81
N SER G 19 24.83 15.69 -21.45
CA SER G 19 24.15 14.62 -22.23
C SER G 19 24.03 13.33 -21.40
N ASN G 20 22.80 12.87 -21.17
CA ASN G 20 22.59 11.57 -20.48
C ASN G 20 23.19 10.45 -21.34
N ALA G 21 22.95 10.52 -22.66
CA ALA G 21 23.50 9.50 -23.57
C ALA G 21 25.05 9.52 -23.55
N ALA G 22 25.66 10.71 -23.62
CA ALA G 22 27.14 10.78 -23.66
C ALA G 22 27.74 10.28 -22.34
N LEU G 23 27.13 10.69 -21.21
CA LEU G 23 27.65 10.28 -19.88
C LEU G 23 27.52 8.76 -19.75
N ALA G 24 26.40 8.24 -20.23
CA ALA G 24 26.15 6.79 -20.15
C ALA G 24 27.23 6.04 -20.93
N GLU G 25 27.55 6.54 -22.13
CA GLU G 25 28.59 5.87 -22.95
C GLU G 25 29.93 5.93 -22.22
N ALA G 26 30.25 7.08 -21.61
CA ALA G 26 31.55 7.25 -20.95
C ALA G 26 31.69 6.26 -19.78
N MET G 27 30.63 6.09 -19.01
CA MET G 27 30.61 5.16 -17.82
C MET G 27 30.75 3.69 -18.26
N ASN G 28 30.13 3.31 -19.37
CA ASN G 28 30.16 1.94 -19.94
C ASN G 28 28.98 1.87 -20.92
N TYR H 1 16.83 -31.34 -3.33
CA TYR H 1 16.08 -30.38 -2.46
C TYR H 1 16.51 -30.50 -1.00
N ARG H 2 16.91 -29.38 -0.39
CA ARG H 2 17.23 -29.34 1.05
C ARG H 2 16.39 -28.26 1.74
N VAL H 3 15.77 -28.56 2.87
CA VAL H 3 15.06 -27.47 3.60
C VAL H 3 16.11 -26.47 4.09
N GLN H 4 15.83 -25.18 3.96
CA GLN H 4 16.74 -24.20 4.59
C GLN H 4 16.03 -23.82 5.89
N PRO H 5 16.48 -24.32 7.07
CA PRO H 5 15.76 -24.08 8.33
C PRO H 5 15.86 -22.63 8.79
N SER H 6 14.80 -22.18 9.46
CA SER H 6 14.73 -20.79 9.94
C SER H 6 13.93 -20.71 11.25
N GLY H 7 14.10 -19.63 11.98
CA GLY H 7 13.25 -19.39 13.16
C GLY H 7 13.90 -19.54 14.51
N LYS H 8 13.38 -18.77 15.46
CA LYS H 8 13.91 -18.78 16.84
C LYS H 8 12.82 -18.27 17.79
N GLY H 9 12.91 -18.61 19.07
CA GLY H 9 12.01 -18.08 20.11
C GLY H 9 10.71 -18.83 20.35
N GLY H 10 10.39 -19.86 19.56
CA GLY H 10 9.25 -20.73 19.87
C GLY H 10 7.85 -20.19 19.61
N LEU H 11 6.82 -20.89 20.09
CA LEU H 11 5.39 -20.50 19.93
C LEU H 11 4.88 -19.49 20.95
N ARG H 12 3.79 -18.79 20.62
CA ARG H 12 3.13 -17.96 21.66
C ARG H 12 2.42 -18.92 22.63
N PRO H 13 2.18 -18.52 23.90
CA PRO H 13 1.59 -19.44 24.87
C PRO H 13 0.17 -19.90 24.49
N GLY H 14 -0.11 -21.18 24.74
CA GLY H 14 -1.44 -21.74 24.46
C GLY H 14 -1.60 -22.19 23.01
N VAL H 15 -0.58 -22.01 22.19
CA VAL H 15 -0.78 -22.34 20.74
C VAL H 15 -0.27 -23.75 20.48
N ASP H 16 -1.11 -24.61 19.87
CA ASP H 16 -0.62 -25.94 19.46
C ASP H 16 -0.76 -26.07 17.93
N LEU H 17 0.37 -26.27 17.25
CA LEU H 17 0.41 -26.44 15.77
C LEU H 17 -0.33 -27.72 15.36
N SER H 18 -0.30 -28.74 16.20
CA SER H 18 -0.85 -30.08 15.87
C SER H 18 -2.35 -30.03 15.54
N SER H 19 -3.15 -29.19 16.21
CA SER H 19 -4.60 -29.11 15.98
C SER H 19 -4.94 -27.95 15.03
N ASN H 20 -5.56 -28.25 13.90
CA ASN H 20 -6.00 -27.19 12.95
C ASN H 20 -7.03 -26.29 13.63
N ALA H 21 -7.96 -26.91 14.38
CA ALA H 21 -9.03 -26.11 15.02
C ALA H 21 -8.42 -25.12 16.04
N ALA H 22 -7.47 -25.58 16.87
CA ALA H 22 -6.88 -24.69 17.90
C ALA H 22 -6.07 -23.57 17.23
N LEU H 23 -5.30 -23.94 16.20
CA LEU H 23 -4.44 -22.96 15.50
C LEU H 23 -5.36 -21.92 14.88
N ALA H 24 -6.47 -22.39 14.31
CA ALA H 24 -7.42 -21.49 13.65
C ALA H 24 -7.99 -20.51 14.69
N GLU H 25 -8.32 -21.04 15.87
CA GLU H 25 -8.86 -20.15 16.93
C GLU H 25 -7.78 -19.13 17.33
N ALA H 26 -6.54 -19.56 17.49
CA ALA H 26 -5.47 -18.64 17.94
C ALA H 26 -5.24 -17.52 16.93
N MET H 27 -5.18 -17.88 15.65
CA MET H 27 -4.94 -16.88 14.57
C MET H 27 -6.12 -15.90 14.48
N ASN H 28 -7.35 -16.37 14.65
CA ASN H 28 -8.62 -15.62 14.49
C ASN H 28 -9.53 -16.47 13.60
N TYR I 1 -8.87 8.34 36.14
CA TYR I 1 -9.80 8.81 35.08
C TYR I 1 -10.82 7.72 34.76
N ARG I 2 -12.09 8.09 34.85
CA ARG I 2 -13.16 7.13 34.48
C ARG I 2 -14.11 7.87 33.55
N VAL I 3 -14.52 7.24 32.45
CA VAL I 3 -15.39 7.91 31.46
C VAL I 3 -16.77 8.15 32.09
N GLN I 4 -17.40 9.28 31.80
CA GLN I 4 -18.79 9.43 32.27
C GLN I 4 -19.66 9.14 31.04
N PRO I 5 -20.33 7.97 30.99
CA PRO I 5 -21.12 7.58 29.84
C PRO I 5 -22.39 8.43 29.70
N SER I 6 -22.82 8.66 28.46
CA SER I 6 -24.00 9.52 28.21
C SER I 6 -24.70 9.14 26.91
N GLY I 7 -25.95 9.56 26.74
CA GLY I 7 -26.67 9.38 25.47
C GLY I 7 -27.73 8.30 25.43
N LYS I 8 -28.71 8.49 24.55
CA LYS I 8 -29.83 7.53 24.40
C LYS I 8 -30.41 7.72 23.00
N GLY I 9 -31.15 6.74 22.49
CA GLY I 9 -31.84 6.84 21.20
C GLY I 9 -31.03 6.33 20.02
N GLY I 10 -29.75 6.08 20.20
CA GLY I 10 -28.96 5.43 19.12
C GLY I 10 -28.71 6.30 17.90
N LEU I 11 -28.22 5.68 16.81
CA LEU I 11 -27.90 6.37 15.52
C LEU I 11 -29.10 6.59 14.60
N ARG I 12 -29.03 7.55 13.71
CA ARG I 12 -30.09 7.67 12.68
C ARG I 12 -29.91 6.43 11.80
N PRO I 13 -30.89 5.99 11.03
CA PRO I 13 -30.79 4.71 10.32
C PRO I 13 -29.68 4.64 9.26
N GLY I 14 -29.51 5.70 8.47
CA GLY I 14 -28.43 5.72 7.47
C GLY I 14 -27.01 5.69 8.00
N ASP I 16 -23.30 5.13 9.55
CA ASP I 16 -22.46 4.02 10.10
C ASP I 16 -21.21 4.68 10.73
N LEU I 17 -20.98 4.49 12.03
CA LEU I 17 -19.81 5.07 12.77
C LEU I 17 -18.45 4.45 12.38
N SER I 18 -18.46 3.19 11.96
CA SER I 18 -17.20 2.46 11.65
C SER I 18 -16.52 3.15 10.47
N SER I 19 -17.27 3.71 9.51
CA SER I 19 -16.62 4.25 8.30
C SER I 19 -16.49 5.77 8.40
N ASN I 20 -15.26 6.26 8.32
CA ASN I 20 -15.04 7.71 8.34
C ASN I 20 -15.71 8.35 7.12
N ALA I 21 -15.57 7.74 5.94
CA ALA I 21 -16.18 8.32 4.71
C ALA I 21 -17.71 8.30 4.80
N ALA I 22 -18.28 7.19 5.29
CA ALA I 22 -19.75 7.08 5.42
C ALA I 22 -20.25 8.11 6.42
N LEU I 23 -19.51 8.28 7.53
CA LEU I 23 -19.90 9.28 8.55
C LEU I 23 -19.85 10.66 7.90
N ALA I 24 -18.81 10.91 7.09
CA ALA I 24 -18.65 12.23 6.46
C ALA I 24 -19.83 12.51 5.50
N GLU I 25 -20.21 11.50 4.71
CA GLU I 25 -21.36 11.63 3.79
C GLU I 25 -22.67 11.86 4.56
N ALA I 26 -22.86 11.12 5.65
CA ALA I 26 -24.12 11.27 6.41
C ALA I 26 -24.16 12.69 6.96
N MET I 27 -23.03 13.19 7.46
CA MET I 27 -22.94 14.60 7.96
C MET I 27 -23.16 15.61 6.82
N ASN I 28 -22.66 15.34 5.61
CA ASN I 28 -22.86 16.23 4.44
C ASN I 28 -23.35 15.42 3.23
#